data_2CB0
#
_entry.id   2CB0
#
_cell.length_a   61.480
_cell.length_b   93.890
_cell.length_c   200.650
_cell.angle_alpha   90.00
_cell.angle_beta   90.00
_cell.angle_gamma   90.00
#
_symmetry.space_group_name_H-M   'C 2 2 21'
#
loop_
_entity.id
_entity.type
_entity.pdbx_description
1 polymer 'GLUCOSAMINE-FRUCTOSE-6-PHOSPHATE AMINOTRANSFERASE'
2 non-polymer GLYCEROL
3 water water
#
_entity_poly.entity_id   1
_entity_poly.type   'polypeptide(L)'
_entity_poly.pdbx_seq_one_letter_code
;(MSE)KTLTEIKQTPKGIIKADESFNQVKDKIRLPRRILYLGCGSSHFLAKLLA(MSE)VTN(MSE)HGGTGVALPCSEF
LYSKEAYPIGKPELVVGISRSGETTEVLLALEKINTPKLGISAYESSLTRACDYSLVVPTIEESVV(MSE)THSFTAFYF
AYLQLLRHSYGLPLLEATEVAKATEKALEYENYIKEIVEDFDFQNVIFLGSGLLYPVALEASLK(MSE)KE(MSE)AIFW
SEAYPTFEVRHGFKAIADENTLVVL(MSE)AQELFEWHKKLVNEFKGQRARVLLISNSQQEFGQDYSIEVPRLSKDATPI
PYLPVVQLLSYYKAVARGLNPDNPRFLDKVVRWLEHHHHHH
;
_entity_poly.pdbx_strand_id   A,B
#
loop_
_chem_comp.id
_chem_comp.type
_chem_comp.name
_chem_comp.formula
GOL non-polymer GLYCEROL 'C3 H8 O3'
#
# COMPACT_ATOMS: atom_id res chain seq x y z
N MSE A 1 -19.41 -21.77 14.13
CA MSE A 1 -19.30 -20.49 13.35
C MSE A 1 -18.74 -20.68 11.97
O MSE A 1 -17.70 -21.31 11.79
CB MSE A 1 -18.47 -19.45 14.08
CG MSE A 1 -19.24 -18.68 15.08
CG MSE A 1 -19.32 -18.39 14.78
SE MSE A 1 -18.90 -16.84 14.73
SE MSE A 1 -20.67 -19.08 16.05
CE MSE A 1 -19.29 -16.13 16.54
CE MSE A 1 -21.45 -17.35 16.63
N LYS A 2 -19.44 -20.08 11.01
CA LYS A 2 -19.19 -20.25 9.60
C LYS A 2 -17.76 -19.90 9.22
N THR A 3 -17.27 -18.75 9.70
CA THR A 3 -15.93 -18.23 9.36
C THR A 3 -14.85 -19.27 9.66
N LEU A 4 -14.95 -19.91 10.83
CA LEU A 4 -13.96 -20.91 11.25
C LEU A 4 -14.07 -22.18 10.43
N THR A 5 -15.30 -22.65 10.22
CA THR A 5 -15.56 -23.82 9.38
C THR A 5 -15.00 -23.60 7.97
N GLU A 6 -15.22 -22.40 7.46
CA GLU A 6 -14.84 -22.05 6.12
C GLU A 6 -13.30 -21.94 6.01
N ILE A 7 -12.65 -21.35 7.01
CA ILE A 7 -11.18 -21.37 7.04
C ILE A 7 -10.67 -22.81 7.00
N LYS A 8 -11.31 -23.70 7.76
CA LYS A 8 -10.88 -25.10 7.83
C LYS A 8 -11.19 -25.93 6.58
N GLN A 9 -11.96 -25.35 5.68
CA GLN A 9 -12.29 -26.00 4.42
C GLN A 9 -11.18 -25.76 3.39
N THR A 10 -10.15 -25.02 3.80
CA THR A 10 -9.04 -24.61 2.90
C THR A 10 -8.44 -25.75 2.06
N PRO A 11 -8.07 -26.92 2.66
CA PRO A 11 -7.51 -28.05 1.87
C PRO A 11 -8.46 -28.58 0.79
N LYS A 12 -9.75 -28.64 1.11
CA LYS A 12 -10.77 -29.10 0.16
C LYS A 12 -11.01 -28.05 -0.93
N GLY A 13 -10.91 -26.79 -0.53
CA GLY A 13 -10.91 -25.67 -1.47
C GLY A 13 -9.81 -25.70 -2.52
N ILE A 14 -8.62 -26.17 -2.15
CA ILE A 14 -7.52 -26.31 -3.12
C ILE A 14 -7.87 -27.37 -4.17
N ILE A 15 -8.46 -28.47 -3.73
CA ILE A 15 -8.87 -29.55 -4.60
C ILE A 15 -9.96 -29.06 -5.57
N LYS A 16 -10.91 -28.28 -5.07
CA LYS A 16 -11.97 -27.71 -5.90
C LYS A 16 -11.39 -26.77 -6.95
N ALA A 17 -10.45 -25.93 -6.50
CA ALA A 17 -9.69 -25.02 -7.36
C ALA A 17 -8.97 -25.75 -8.51
N ASP A 18 -8.32 -26.86 -8.23
CA ASP A 18 -7.71 -27.68 -9.28
C ASP A 18 -8.78 -28.20 -10.28
N GLU A 19 -9.94 -28.60 -9.76
CA GLU A 19 -11.04 -29.06 -10.64
C GLU A 19 -11.55 -27.96 -11.57
N SER A 20 -11.72 -26.76 -11.02
CA SER A 20 -12.17 -25.58 -11.77
C SER A 20 -11.18 -25.19 -12.86
N PHE A 21 -9.90 -25.12 -12.48
CA PHE A 21 -8.81 -24.97 -13.44
C PHE A 21 -8.94 -26.01 -14.54
N ASN A 22 -9.01 -27.29 -14.17
CA ASN A 22 -9.02 -28.32 -15.20
C ASN A 22 -10.16 -28.17 -16.18
N GLN A 23 -11.31 -27.74 -15.67
CA GLN A 23 -12.48 -27.54 -16.52
C GLN A 23 -12.26 -26.47 -17.59
N VAL A 24 -11.48 -25.45 -17.28
CA VAL A 24 -11.35 -24.33 -18.18
C VAL A 24 -10.03 -24.25 -18.93
N LYS A 25 -9.09 -25.13 -18.61
CA LYS A 25 -7.70 -24.93 -19.03
C LYS A 25 -7.50 -24.85 -20.58
N ASP A 26 -8.35 -25.55 -21.32
CA ASP A 26 -8.23 -25.46 -22.77
C ASP A 26 -9.17 -24.42 -23.39
N LYS A 27 -10.02 -23.82 -22.56
CA LYS A 27 -10.94 -22.79 -23.02
C LYS A 27 -10.30 -21.40 -22.92
N ILE A 28 -9.37 -21.24 -21.96
CA ILE A 28 -8.85 -19.93 -21.61
C ILE A 28 -7.34 -20.01 -21.67
N ARG A 29 -6.76 -19.22 -22.57
CA ARG A 29 -5.32 -19.09 -22.62
C ARG A 29 -4.88 -17.68 -22.16
N LEU A 30 -4.37 -17.61 -20.94
CA LEU A 30 -3.90 -16.35 -20.40
C LEU A 30 -2.71 -15.79 -21.19
N PRO A 31 -2.78 -14.51 -21.60
CA PRO A 31 -1.75 -13.87 -22.39
C PRO A 31 -0.73 -13.28 -21.42
N ARG A 32 0.27 -12.57 -21.94
CA ARG A 32 1.34 -12.01 -21.10
C ARG A 32 0.98 -10.74 -20.39
N ARG A 33 0.19 -9.89 -21.03
CA ARG A 33 -0.16 -8.58 -20.42
C ARG A 33 -1.60 -8.59 -19.86
N ILE A 34 -1.73 -8.53 -18.55
CA ILE A 34 -3.01 -8.72 -17.94
C ILE A 34 -3.25 -7.67 -16.92
N LEU A 35 -4.42 -7.06 -16.97
CA LEU A 35 -4.87 -6.14 -15.93
C LEU A 35 -5.86 -6.81 -14.99
N TYR A 36 -5.69 -6.60 -13.69
CA TYR A 36 -6.50 -7.23 -12.67
C TYR A 36 -7.27 -6.20 -11.88
N LEU A 37 -8.57 -6.41 -11.76
CA LEU A 37 -9.45 -5.46 -11.06
C LEU A 37 -10.29 -6.20 -10.03
N GLY A 38 -10.30 -5.68 -8.82
CA GLY A 38 -11.07 -6.25 -7.72
C GLY A 38 -11.26 -5.19 -6.63
N CYS A 39 -12.14 -5.48 -5.67
CA CYS A 39 -12.37 -4.60 -4.53
C CYS A 39 -12.15 -5.34 -3.22
N GLY A 40 -11.60 -4.62 -2.24
CA GLY A 40 -11.42 -5.18 -0.87
C GLY A 40 -10.44 -6.35 -0.92
N SER A 41 -10.81 -7.48 -0.36
CA SER A 41 -10.00 -8.71 -0.47
C SER A 41 -9.68 -9.07 -1.91
N SER A 42 -10.61 -8.82 -2.82
CA SER A 42 -10.40 -9.19 -4.21
C SER A 42 -9.43 -8.27 -4.94
N HIS A 43 -9.23 -7.09 -4.39
CA HIS A 43 -8.16 -6.20 -4.85
C HIS A 43 -6.79 -6.73 -4.40
N PHE A 44 -6.70 -7.17 -3.17
CA PHE A 44 -5.46 -7.74 -2.69
C PHE A 44 -5.20 -9.04 -3.45
N LEU A 45 -6.26 -9.78 -3.77
CA LEU A 45 -6.09 -10.95 -4.65
C LEU A 45 -5.65 -10.55 -6.06
N ALA A 46 -6.27 -9.53 -6.64
CA ALA A 46 -5.78 -8.95 -7.89
C ALA A 46 -4.27 -8.61 -7.85
N LYS A 47 -3.80 -8.01 -6.75
CA LYS A 47 -2.34 -7.68 -6.59
C LYS A 47 -1.49 -8.94 -6.64
N LEU A 48 -1.93 -9.95 -5.90
CA LEU A 48 -1.25 -11.25 -5.89
C LEU A 48 -1.18 -11.85 -7.29
N LEU A 49 -2.31 -11.81 -8.01
CA LEU A 49 -2.34 -12.40 -9.36
C LEU A 49 -1.43 -11.61 -10.31
N ALA A 50 -1.42 -10.29 -10.14
CA ALA A 50 -0.51 -9.43 -10.92
C ALA A 50 0.95 -9.82 -10.68
N MSE A 51 1.31 -10.05 -9.42
CA MSE A 51 2.67 -10.44 -9.06
C MSE A 51 3.15 -11.73 -9.67
O MSE A 51 4.28 -11.81 -10.17
CB MSE A 51 2.76 -10.55 -7.55
CG MSE A 51 2.72 -9.20 -6.88
SE MSE A 51 3.27 -9.50 -5.04
CE MSE A 51 3.29 -7.67 -4.59
N VAL A 52 2.29 -12.75 -9.66
CA VAL A 52 2.69 -14.03 -10.27
C VAL A 52 2.80 -13.92 -11.77
N THR A 53 1.98 -13.06 -12.34
CA THR A 53 2.04 -12.76 -13.78
C THR A 53 3.43 -12.20 -14.11
N ASN A 54 3.88 -11.21 -13.32
CA ASN A 54 5.24 -10.69 -13.48
C ASN A 54 6.30 -11.76 -13.26
N MSE A 55 6.11 -12.57 -12.22
CA MSE A 55 7.10 -13.57 -11.84
C MSE A 55 7.27 -14.56 -12.99
O MSE A 55 8.36 -15.04 -13.23
CB MSE A 55 6.67 -14.27 -10.56
CG MSE A 55 7.54 -15.40 -10.11
SE MSE A 55 6.79 -16.07 -8.36
CE MSE A 55 6.26 -14.30 -7.71
N HIS A 56 6.20 -14.85 -13.73
CA HIS A 56 6.34 -15.78 -14.85
C HIS A 56 6.69 -15.15 -16.21
N GLY A 57 7.07 -13.86 -16.20
CA GLY A 57 7.59 -13.20 -17.39
C GLY A 57 6.55 -12.44 -18.21
N GLY A 58 5.38 -12.25 -17.61
CA GLY A 58 4.35 -11.38 -18.17
C GLY A 58 4.40 -9.96 -17.61
N THR A 59 3.32 -9.23 -17.79
CA THR A 59 3.17 -7.91 -17.22
C THR A 59 1.83 -7.82 -16.54
N GLY A 60 1.84 -7.80 -15.21
CA GLY A 60 0.65 -7.78 -14.41
C GLY A 60 0.52 -6.47 -13.69
N VAL A 61 -0.67 -5.91 -13.79
CA VAL A 61 -0.99 -4.65 -13.15
C VAL A 61 -2.30 -4.87 -12.44
N ALA A 62 -2.37 -4.40 -11.21
CA ALA A 62 -3.62 -4.38 -10.47
C ALA A 62 -3.88 -3.00 -9.92
N LEU A 63 -5.16 -2.63 -9.88
CA LEU A 63 -5.61 -1.45 -9.17
C LEU A 63 -7.04 -1.66 -8.68
N PRO A 64 -7.45 -0.90 -7.65
CA PRO A 64 -8.82 -1.01 -7.19
C PRO A 64 -9.78 -0.55 -8.30
N CYS A 65 -10.96 -1.16 -8.39
CA CYS A 65 -11.94 -0.78 -9.44
C CYS A 65 -12.27 0.72 -9.50
N SER A 66 -12.43 1.36 -8.35
CA SER A 66 -12.78 2.80 -8.32
C SER A 66 -11.63 3.71 -8.80
N GLU A 67 -10.38 3.24 -8.68
CA GLU A 67 -9.21 3.98 -9.19
C GLU A 67 -9.17 3.82 -10.71
N PHE A 68 -9.60 2.66 -11.19
CA PHE A 68 -9.71 2.46 -12.62
C PHE A 68 -10.85 3.34 -13.16
N LEU A 69 -11.96 3.35 -12.45
CA LEU A 69 -13.09 4.21 -12.81
C LEU A 69 -12.80 5.70 -12.83
N TYR A 70 -12.14 6.21 -11.79
CA TYR A 70 -11.95 7.66 -11.67
C TYR A 70 -10.55 8.22 -11.91
N SER A 71 -9.53 7.36 -11.86
CA SER A 71 -8.15 7.85 -11.97
C SER A 71 -7.19 6.99 -12.79
N LYS A 72 -7.69 6.29 -13.81
CA LYS A 72 -6.85 5.39 -14.61
C LYS A 72 -5.61 6.01 -15.25
N GLU A 73 -5.66 7.32 -15.57
CA GLU A 73 -4.51 8.09 -16.14
C GLU A 73 -3.22 8.05 -15.28
N ALA A 74 -3.41 7.85 -13.98
CA ALA A 74 -2.31 7.85 -13.01
C ALA A 74 -1.57 6.50 -12.92
N TYR A 75 -2.12 5.47 -13.56
CA TYR A 75 -1.64 4.09 -13.40
C TYR A 75 -0.99 3.49 -14.67
N PRO A 76 0.04 2.60 -14.51
CA PRO A 76 0.69 2.06 -15.71
C PRO A 76 -0.08 0.92 -16.37
N ILE A 77 -1.30 1.20 -16.77
CA ILE A 77 -2.13 0.19 -17.43
C ILE A 77 -1.56 -0.32 -18.77
N GLY A 78 -1.11 0.57 -19.65
CA GLY A 78 -0.58 0.14 -20.95
C GLY A 78 -1.71 -0.43 -21.80
N LYS A 79 -1.42 -1.48 -22.56
CA LYS A 79 -2.46 -2.11 -23.39
C LYS A 79 -2.60 -3.59 -23.00
N PRO A 80 -3.42 -3.88 -21.98
CA PRO A 80 -3.56 -5.27 -21.56
C PRO A 80 -4.18 -6.17 -22.66
N GLU A 81 -3.82 -7.45 -22.69
CA GLU A 81 -4.38 -8.37 -23.67
C GLU A 81 -5.61 -9.09 -23.08
N LEU A 82 -5.77 -8.95 -21.75
CA LEU A 82 -6.86 -9.55 -21.01
C LEU A 82 -7.08 -8.68 -19.79
N VAL A 83 -8.34 -8.48 -19.40
CA VAL A 83 -8.65 -7.82 -18.14
C VAL A 83 -9.39 -8.84 -17.25
N VAL A 84 -8.88 -9.03 -16.04
CA VAL A 84 -9.46 -9.98 -15.10
C VAL A 84 -10.28 -9.22 -14.02
N GLY A 85 -11.56 -9.57 -13.90
CA GLY A 85 -12.41 -8.97 -12.88
C GLY A 85 -12.65 -10.04 -11.84
N ILE A 86 -12.57 -9.66 -10.56
CA ILE A 86 -12.67 -10.62 -9.44
C ILE A 86 -13.75 -10.19 -8.44
N SER A 87 -14.65 -11.08 -8.14
CA SER A 87 -15.65 -10.82 -7.12
C SER A 87 -16.12 -12.16 -6.61
N ARG A 88 -16.07 -12.36 -5.28
CA ARG A 88 -16.51 -13.64 -4.70
C ARG A 88 -17.98 -13.92 -5.06
N SER A 89 -18.87 -12.95 -4.79
CA SER A 89 -20.27 -13.10 -5.17
C SER A 89 -20.51 -13.08 -6.68
N GLY A 90 -19.61 -12.40 -7.42
CA GLY A 90 -19.84 -12.05 -8.82
C GLY A 90 -20.88 -10.96 -9.06
N GLU A 91 -21.28 -10.26 -8.00
CA GLU A 91 -22.29 -9.21 -8.07
C GLU A 91 -21.78 -7.81 -7.60
N THR A 92 -20.50 -7.72 -7.28
CA THR A 92 -19.85 -6.45 -6.89
C THR A 92 -20.03 -5.42 -7.98
N THR A 93 -20.75 -4.36 -7.68
CA THR A 93 -21.17 -3.36 -8.69
C THR A 93 -19.96 -2.76 -9.38
N GLU A 94 -18.96 -2.37 -8.58
CA GLU A 94 -17.80 -1.67 -9.08
C GLU A 94 -17.01 -2.48 -10.11
N VAL A 95 -16.99 -3.81 -9.93
CA VAL A 95 -16.32 -4.70 -10.85
C VAL A 95 -17.12 -4.74 -12.15
N LEU A 96 -18.44 -4.90 -12.03
CA LEU A 96 -19.29 -4.92 -13.23
C LEU A 96 -19.10 -3.63 -14.02
N LEU A 97 -19.18 -2.50 -13.32
CA LEU A 97 -19.01 -1.17 -13.93
C LEU A 97 -17.65 -0.93 -14.58
N ALA A 98 -16.59 -1.31 -13.89
CA ALA A 98 -15.26 -1.17 -14.49
C ALA A 98 -15.14 -1.98 -15.79
N LEU A 99 -15.63 -3.21 -15.76
CA LEU A 99 -15.54 -4.06 -16.95
C LEU A 99 -16.43 -3.60 -18.12
N GLU A 100 -17.53 -2.92 -17.82
CA GLU A 100 -18.43 -2.43 -18.88
C GLU A 100 -17.69 -1.41 -19.75
N LYS A 101 -16.74 -0.71 -19.14
CA LYS A 101 -15.92 0.29 -19.84
C LYS A 101 -14.88 -0.29 -20.79
N ILE A 102 -14.73 -1.62 -20.78
CA ILE A 102 -13.61 -2.29 -21.43
C ILE A 102 -14.10 -3.18 -22.57
N ASN A 103 -13.50 -2.98 -23.75
CA ASN A 103 -13.77 -3.77 -24.97
C ASN A 103 -12.74 -4.88 -25.23
N THR A 104 -11.72 -4.95 -24.38
CA THR A 104 -10.67 -5.98 -24.36
C THR A 104 -11.32 -7.32 -23.96
N PRO A 105 -10.79 -8.46 -24.46
CA PRO A 105 -11.28 -9.70 -23.84
C PRO A 105 -11.26 -9.62 -22.30
N LYS A 106 -12.28 -10.20 -21.65
CA LYS A 106 -12.41 -10.19 -20.19
C LYS A 106 -12.60 -11.56 -19.61
N LEU A 107 -12.01 -11.77 -18.43
CA LEU A 107 -12.20 -12.98 -17.65
C LEU A 107 -12.76 -12.63 -16.28
N GLY A 108 -13.77 -13.38 -15.83
CA GLY A 108 -14.36 -13.15 -14.53
C GLY A 108 -14.05 -14.31 -13.59
N ILE A 109 -13.58 -13.98 -12.40
CA ILE A 109 -13.32 -14.97 -11.35
C ILE A 109 -14.28 -14.75 -10.22
N SER A 110 -14.99 -15.82 -9.87
CA SER A 110 -16.02 -15.74 -8.83
C SER A 110 -16.19 -17.09 -8.25
N ALA A 111 -16.94 -17.16 -7.15
CA ALA A 111 -17.37 -18.44 -6.58
C ALA A 111 -18.68 -18.95 -7.20
N TYR A 112 -19.35 -18.08 -7.99
CA TYR A 112 -20.71 -18.33 -8.57
C TYR A 112 -20.81 -17.95 -10.00
N GLU A 113 -21.62 -18.70 -10.76
CA GLU A 113 -22.12 -18.22 -12.03
C GLU A 113 -22.98 -17.04 -11.65
N SER A 114 -22.72 -15.89 -12.28
CA SER A 114 -23.19 -14.61 -11.72
C SER A 114 -23.15 -13.55 -12.76
N SER A 115 -23.58 -12.34 -12.41
CA SER A 115 -23.48 -11.22 -13.33
C SER A 115 -22.07 -11.09 -13.85
N LEU A 116 -21.09 -11.26 -12.98
CA LEU A 116 -19.72 -11.05 -13.45
C LEU A 116 -19.34 -12.07 -14.53
N THR A 117 -19.51 -13.36 -14.24
CA THR A 117 -19.14 -14.38 -15.21
C THR A 117 -19.95 -14.24 -16.51
N ARG A 118 -21.22 -13.83 -16.40
CA ARG A 118 -22.07 -13.72 -17.55
C ARG A 118 -21.76 -12.46 -18.40
N ALA A 119 -20.90 -11.58 -17.88
CA ALA A 119 -20.52 -10.34 -18.56
C ALA A 119 -19.14 -10.38 -19.23
N CYS A 120 -18.44 -11.51 -19.11
CA CYS A 120 -17.09 -11.69 -19.61
C CYS A 120 -16.97 -12.68 -20.77
N ASP A 121 -15.91 -12.52 -21.58
CA ASP A 121 -15.53 -13.54 -22.55
C ASP A 121 -15.28 -14.92 -21.96
N TYR A 122 -14.71 -14.95 -20.74
CA TYR A 122 -14.25 -16.19 -20.09
C TYR A 122 -14.58 -16.15 -18.63
N SER A 123 -14.71 -17.30 -17.98
CA SER A 123 -15.01 -17.25 -16.54
C SER A 123 -14.34 -18.39 -15.84
N LEU A 124 -13.90 -18.13 -14.60
CA LEU A 124 -13.28 -19.14 -13.81
C LEU A 124 -14.08 -19.12 -12.52
N VAL A 125 -14.98 -20.07 -12.41
CA VAL A 125 -15.87 -20.16 -11.24
C VAL A 125 -15.30 -21.22 -10.35
N VAL A 126 -14.97 -20.84 -9.12
CA VAL A 126 -14.36 -21.72 -8.10
C VAL A 126 -15.39 -21.88 -6.94
N PRO A 127 -16.14 -22.99 -6.94
CA PRO A 127 -17.35 -23.07 -6.09
C PRO A 127 -17.02 -23.37 -4.62
N THR A 128 -16.11 -22.58 -4.03
CA THR A 128 -15.88 -22.66 -2.59
C THR A 128 -16.99 -21.83 -1.99
N ILE A 129 -17.86 -22.46 -1.21
CA ILE A 129 -19.05 -21.76 -0.74
C ILE A 129 -18.73 -21.06 0.56
N GLU A 130 -19.02 -19.78 0.69
CA GLU A 130 -18.84 -19.14 1.98
C GLU A 130 -20.08 -18.41 2.39
N GLU A 131 -20.52 -18.65 3.62
CA GLU A 131 -21.69 -17.96 4.19
C GLU A 131 -21.32 -16.79 5.08
N SER A 132 -20.08 -16.77 5.54
CA SER A 132 -19.52 -15.62 6.20
C SER A 132 -19.41 -14.41 5.27
N VAL A 133 -19.63 -13.24 5.84
CA VAL A 133 -19.42 -11.95 5.19
C VAL A 133 -17.95 -11.78 4.83
N VAL A 134 -17.09 -12.38 5.64
CA VAL A 134 -15.65 -12.32 5.46
C VAL A 134 -15.16 -13.49 4.57
N MSE A 135 -14.45 -13.13 3.51
CA MSE A 135 -13.82 -14.06 2.59
C MSE A 135 -12.59 -14.68 3.27
O MSE A 135 -11.74 -13.97 3.82
CB MSE A 135 -13.37 -13.29 1.35
CG MSE A 135 -12.65 -14.10 0.29
SE MSE A 135 -12.49 -12.91 -1.29
CE MSE A 135 -12.23 -14.24 -2.60
N THR A 136 -12.52 -16.02 3.23
CA THR A 136 -11.44 -16.79 3.82
C THR A 136 -10.84 -17.78 2.83
N HIS A 137 -11.32 -19.02 2.82
CA HIS A 137 -10.78 -20.06 1.92
C HIS A 137 -10.94 -19.78 0.43
N SER A 138 -11.94 -18.97 0.06
CA SER A 138 -12.09 -18.52 -1.33
C SER A 138 -10.94 -17.71 -1.89
N PHE A 139 -10.42 -16.78 -1.11
CA PHE A 139 -9.19 -16.11 -1.51
C PHE A 139 -8.15 -17.15 -1.99
N THR A 140 -7.81 -18.07 -1.09
CA THR A 140 -6.78 -19.10 -1.31
C THR A 140 -7.12 -19.98 -2.51
N ALA A 141 -8.38 -20.37 -2.60
CA ALA A 141 -8.87 -21.25 -3.67
C ALA A 141 -8.77 -20.57 -5.08
N PHE A 142 -9.23 -19.32 -5.17
CA PHE A 142 -9.21 -18.56 -6.41
C PHE A 142 -7.72 -18.46 -6.82
N TYR A 143 -6.88 -18.20 -5.83
CA TYR A 143 -5.46 -17.97 -6.09
C TYR A 143 -4.88 -19.23 -6.73
N PHE A 144 -5.14 -20.39 -6.14
CA PHE A 144 -4.59 -21.63 -6.65
C PHE A 144 -5.07 -21.99 -8.08
N ALA A 145 -6.37 -21.84 -8.31
CA ALA A 145 -6.98 -22.14 -9.61
C ALA A 145 -6.28 -21.24 -10.65
N TYR A 146 -6.07 -19.97 -10.30
CA TYR A 146 -5.51 -19.03 -11.28
C TYR A 146 -4.04 -19.33 -11.52
N LEU A 147 -3.36 -19.76 -10.46
CA LEU A 147 -1.99 -20.21 -10.53
C LEU A 147 -1.79 -21.36 -11.53
N GLN A 148 -2.61 -22.39 -11.41
CA GLN A 148 -2.57 -23.47 -12.37
C GLN A 148 -2.82 -22.99 -13.77
N LEU A 149 -3.81 -22.09 -13.93
CA LEU A 149 -4.25 -21.60 -15.26
C LEU A 149 -3.10 -20.80 -15.90
N LEU A 150 -2.43 -19.99 -15.09
CA LEU A 150 -1.27 -19.24 -15.57
C LEU A 150 -0.13 -20.16 -16.00
N ARG A 151 0.17 -21.13 -15.14
CA ARG A 151 1.19 -22.11 -15.39
C ARG A 151 0.85 -22.87 -16.69
N HIS A 152 -0.39 -23.35 -16.82
CA HIS A 152 -0.82 -24.03 -18.06
C HIS A 152 -0.70 -23.16 -19.33
N SER A 153 -1.18 -21.93 -19.24
CA SER A 153 -1.13 -20.97 -20.34
C SER A 153 0.29 -20.64 -20.83
N TYR A 154 1.26 -20.67 -19.92
CA TYR A 154 2.66 -20.27 -20.19
C TYR A 154 3.53 -21.51 -20.44
N GLY A 155 2.87 -22.65 -20.59
CA GLY A 155 3.55 -23.91 -20.81
C GLY A 155 4.49 -24.35 -19.69
N LEU A 156 4.18 -23.97 -18.46
CA LEU A 156 4.93 -24.40 -17.31
C LEU A 156 4.33 -25.68 -16.75
N PRO A 157 5.13 -26.48 -16.01
CA PRO A 157 4.52 -27.64 -15.35
C PRO A 157 3.44 -27.23 -14.34
N LEU A 158 2.45 -28.09 -14.20
CA LEU A 158 1.40 -27.87 -13.22
C LEU A 158 1.88 -28.19 -11.81
N LEU A 159 1.26 -27.53 -10.83
CA LEU A 159 1.51 -27.92 -9.47
C LEU A 159 0.63 -29.10 -9.04
N GLU A 160 1.07 -29.75 -7.97
CA GLU A 160 0.37 -30.89 -7.42
C GLU A 160 -0.57 -30.38 -6.39
N ALA A 161 -1.87 -30.37 -6.72
CA ALA A 161 -2.85 -29.83 -5.80
C ALA A 161 -2.89 -30.61 -4.48
N THR A 162 -2.68 -31.92 -4.53
CA THR A 162 -2.69 -32.69 -3.27
C THR A 162 -1.59 -32.21 -2.30
N GLU A 163 -0.45 -31.80 -2.87
CA GLU A 163 0.69 -31.33 -2.13
C GLU A 163 0.40 -29.96 -1.52
N VAL A 164 -0.13 -29.05 -2.34
CA VAL A 164 -0.60 -27.76 -1.84
C VAL A 164 -1.66 -27.91 -0.75
N ALA A 165 -2.71 -28.70 -1.01
CA ALA A 165 -3.76 -28.96 -0.01
C ALA A 165 -3.16 -29.44 1.33
N LYS A 166 -2.24 -30.40 1.25
CA LYS A 166 -1.55 -30.94 2.43
C LYS A 166 -0.83 -29.83 3.22
N ALA A 167 -0.14 -28.91 2.52
CA ALA A 167 0.52 -27.79 3.16
C ALA A 167 -0.44 -26.97 4.01
N THR A 168 -1.67 -26.75 3.50
CA THR A 168 -2.69 -26.00 4.23
C THR A 168 -3.24 -26.83 5.41
N GLU A 169 -3.33 -28.16 5.28
CA GLU A 169 -3.65 -29.03 6.41
C GLU A 169 -2.62 -28.87 7.53
N LYS A 170 -1.34 -28.92 7.16
CA LYS A 170 -0.26 -28.73 8.15
C LYS A 170 -0.33 -27.36 8.81
N ALA A 171 -0.68 -26.34 8.03
CA ALA A 171 -0.88 -24.99 8.62
C ALA A 171 -2.05 -24.97 9.59
N LEU A 172 -3.18 -25.55 9.21
CA LEU A 172 -4.33 -25.60 10.10
C LEU A 172 -4.10 -26.37 11.41
N GLU A 173 -3.14 -27.29 11.44
CA GLU A 173 -2.70 -27.95 12.67
C GLU A 173 -2.25 -26.98 13.75
N TYR A 174 -1.86 -25.77 13.37
CA TYR A 174 -1.36 -24.76 14.33
C TYR A 174 -2.51 -24.02 15.00
N GLU A 175 -3.74 -24.47 14.73
CA GLU A 175 -4.91 -23.82 15.31
C GLU A 175 -4.79 -23.65 16.83
N ASN A 176 -4.51 -24.74 17.56
CA ASN A 176 -4.48 -24.65 19.02
C ASN A 176 -3.40 -23.72 19.50
N TYR A 177 -2.25 -23.75 18.83
CA TYR A 177 -1.18 -22.79 19.14
C TYR A 177 -1.58 -21.32 18.91
N ILE A 178 -2.27 -21.08 17.79
CA ILE A 178 -2.73 -19.74 17.47
C ILE A 178 -3.71 -19.26 18.57
N LYS A 179 -4.58 -20.15 19.00
CA LYS A 179 -5.47 -19.88 20.11
C LYS A 179 -4.62 -19.44 21.28
N GLU A 180 -3.59 -20.20 21.61
CA GLU A 180 -2.73 -19.91 22.77
C GLU A 180 -2.09 -18.53 22.72
N ILE A 181 -1.63 -18.12 21.52
CA ILE A 181 -1.02 -16.78 21.32
C ILE A 181 -2.02 -15.70 21.71
N VAL A 182 -3.25 -15.85 21.24
CA VAL A 182 -4.31 -14.90 21.49
C VAL A 182 -4.64 -14.84 23.00
N GLU A 183 -4.53 -15.98 23.66
CA GLU A 183 -4.71 -16.06 25.13
C GLU A 183 -3.52 -15.48 25.94
N ASP A 184 -2.29 -15.80 25.51
CA ASP A 184 -1.02 -15.40 26.12
C ASP A 184 -0.78 -13.86 26.02
N PHE A 185 -1.15 -13.28 24.89
CA PHE A 185 -0.75 -11.91 24.59
C PHE A 185 -1.97 -11.09 24.18
N ASP A 186 -2.38 -10.21 25.07
CA ASP A 186 -3.50 -9.32 24.80
C ASP A 186 -3.04 -8.12 23.99
N PHE A 187 -2.68 -8.38 22.74
CA PHE A 187 -2.13 -7.34 21.90
C PHE A 187 -3.22 -6.31 21.55
N GLN A 188 -2.80 -5.05 21.43
CA GLN A 188 -3.70 -3.94 21.10
C GLN A 188 -3.61 -3.43 19.64
N ASN A 189 -2.53 -3.78 18.96
CA ASN A 189 -2.47 -3.63 17.50
C ASN A 189 -1.58 -4.72 16.94
N VAL A 190 -1.52 -4.81 15.61
CA VAL A 190 -0.83 -5.91 14.93
C VAL A 190 -0.26 -5.33 13.64
N ILE A 191 0.98 -5.71 13.33
CA ILE A 191 1.61 -5.38 12.07
C ILE A 191 1.97 -6.70 11.36
N PHE A 192 1.46 -6.87 10.16
CA PHE A 192 1.79 -7.99 9.30
C PHE A 192 2.84 -7.53 8.33
N LEU A 193 3.85 -8.37 8.16
CA LEU A 193 4.96 -8.06 7.29
C LEU A 193 5.20 -9.17 6.27
N GLY A 194 5.40 -8.79 5.00
CA GLY A 194 5.79 -9.81 3.99
C GLY A 194 6.37 -9.11 2.78
N SER A 195 7.15 -9.88 2.01
CA SER A 195 7.77 -9.36 0.82
C SER A 195 7.31 -10.14 -0.40
N GLY A 196 7.26 -9.47 -1.55
CA GLY A 196 6.82 -10.13 -2.79
C GLY A 196 5.40 -10.65 -2.58
N LEU A 197 5.20 -11.93 -2.88
CA LEU A 197 3.85 -12.55 -2.83
C LEU A 197 3.29 -12.57 -1.43
N LEU A 198 4.16 -12.49 -0.43
CA LEU A 198 3.71 -12.41 0.99
C LEU A 198 3.24 -11.02 1.43
N TYR A 199 3.51 -10.01 0.60
CA TYR A 199 3.00 -8.67 0.83
C TYR A 199 1.46 -8.57 0.71
N PRO A 200 0.88 -9.00 -0.44
CA PRO A 200 -0.57 -9.08 -0.51
C PRO A 200 -1.20 -9.96 0.55
N VAL A 201 -0.52 -11.05 0.97
CA VAL A 201 -0.96 -11.83 2.11
C VAL A 201 -1.02 -10.95 3.40
N ALA A 202 0.03 -10.16 3.64
CA ALA A 202 0.05 -9.19 4.75
C ALA A 202 -1.15 -8.22 4.64
N LEU A 203 -1.38 -7.68 3.44
CA LEU A 203 -2.49 -6.74 3.23
C LEU A 203 -3.81 -7.44 3.54
N GLU A 204 -3.96 -8.69 3.09
CA GLU A 204 -5.21 -9.41 3.28
C GLU A 204 -5.43 -9.79 4.75
N ALA A 205 -4.38 -10.28 5.41
CA ALA A 205 -4.42 -10.57 6.85
C ALA A 205 -4.82 -9.32 7.66
N SER A 206 -4.25 -8.18 7.31
CA SER A 206 -4.60 -6.93 7.99
C SER A 206 -6.10 -6.59 7.77
N LEU A 207 -6.60 -6.80 6.54
CA LEU A 207 -8.05 -6.66 6.30
C LEU A 207 -8.90 -7.67 7.11
N LYS A 208 -8.46 -8.91 7.24
CA LYS A 208 -9.18 -9.87 8.06
C LYS A 208 -9.31 -9.36 9.49
N MSE A 209 -8.23 -8.78 10.01
CA MSE A 209 -8.24 -8.16 11.33
C MSE A 209 -9.25 -7.03 11.52
O MSE A 209 -9.94 -6.98 12.53
CB MSE A 209 -6.87 -7.64 11.71
CG MSE A 209 -6.00 -8.66 12.33
SE MSE A 209 -6.57 -9.35 14.15
CE MSE A 209 -5.05 -10.72 14.19
N LYS A 210 -9.31 -6.13 10.53
CA LYS A 210 -10.29 -5.04 10.50
C LYS A 210 -11.73 -5.51 10.44
N GLU A 211 -12.03 -6.35 9.45
CA GLU A 211 -13.38 -6.90 9.30
C GLU A 211 -13.82 -7.81 10.45
N MSE A 212 -12.99 -8.79 10.83
CA MSE A 212 -13.42 -9.75 11.83
C MSE A 212 -13.37 -9.16 13.25
O MSE A 212 -14.30 -9.35 14.03
CB MSE A 212 -12.63 -11.06 11.78
CG MSE A 212 -12.85 -11.93 10.55
SE MSE A 212 -11.71 -13.47 10.83
CE MSE A 212 -11.38 -14.05 8.88
N ALA A 213 -12.29 -8.45 13.57
CA ALA A 213 -12.02 -8.02 14.96
C ALA A 213 -12.15 -6.53 15.23
N ILE A 214 -12.55 -5.76 14.21
CA ILE A 214 -12.64 -4.29 14.31
C ILE A 214 -11.39 -3.75 15.02
N PHE A 215 -10.25 -4.10 14.46
CA PHE A 215 -9.02 -4.05 15.23
C PHE A 215 -8.02 -3.17 14.51
N TRP A 216 -7.09 -2.59 15.26
CA TRP A 216 -6.00 -1.81 14.70
C TRP A 216 -4.93 -2.72 14.11
N SER A 217 -4.90 -2.77 12.78
CA SER A 217 -3.96 -3.67 12.09
C SER A 217 -3.25 -2.95 10.95
N GLU A 218 -1.96 -3.21 10.78
CA GLU A 218 -1.18 -2.62 9.68
C GLU A 218 -0.44 -3.68 8.88
N ALA A 219 -0.10 -3.35 7.62
CA ALA A 219 0.67 -4.28 6.77
C ALA A 219 1.67 -3.53 5.91
N TYR A 220 2.92 -4.04 5.87
CA TYR A 220 4.03 -3.44 5.08
C TYR A 220 4.90 -4.43 4.36
N PRO A 221 5.51 -3.99 3.26
CA PRO A 221 6.57 -4.86 2.73
C PRO A 221 7.62 -4.97 3.86
N THR A 222 8.11 -6.19 4.11
CA THR A 222 8.98 -6.55 5.26
C THR A 222 9.95 -5.45 5.76
N PHE A 223 10.89 -4.99 4.93
CA PHE A 223 11.89 -4.05 5.41
C PHE A 223 11.50 -2.59 5.33
N GLU A 224 10.41 -2.30 4.64
CA GLU A 224 9.95 -0.95 4.48
C GLU A 224 9.47 -0.42 5.84
N VAL A 225 9.03 -1.30 6.72
CA VAL A 225 8.50 -0.93 8.02
C VAL A 225 9.45 -0.09 8.91
N ARG A 226 10.76 -0.25 8.71
CA ARG A 226 11.76 0.48 9.47
C ARG A 226 11.70 1.97 9.20
N HIS A 227 11.17 2.35 8.05
CA HIS A 227 11.21 3.74 7.58
C HIS A 227 10.03 4.55 8.11
N GLY A 228 10.01 4.69 9.43
CA GLY A 228 9.01 5.49 10.10
C GLY A 228 7.84 4.74 10.66
N PHE A 229 7.36 3.70 9.94
CA PHE A 229 6.12 2.96 10.36
C PHE A 229 6.30 2.24 11.70
N LYS A 230 7.55 1.87 12.01
CA LYS A 230 7.85 1.09 13.23
C LYS A 230 7.54 1.86 14.51
N ALA A 231 7.36 3.20 14.40
CA ALA A 231 7.06 4.09 15.56
C ALA A 231 5.86 3.60 16.35
N ILE A 232 4.95 2.90 15.68
CA ILE A 232 3.68 2.53 16.33
C ILE A 232 3.76 1.15 16.97
N ALA A 233 4.93 0.54 16.93
CA ALA A 233 5.14 -0.77 17.53
C ALA A 233 5.73 -0.69 18.96
N ASP A 234 5.01 -1.20 19.95
CA ASP A 234 5.52 -1.19 21.31
C ASP A 234 5.15 -2.47 22.06
N GLU A 235 5.08 -2.41 23.40
CA GLU A 235 4.78 -3.60 24.21
C GLU A 235 3.39 -4.21 23.99
N ASN A 236 2.46 -3.46 23.39
CA ASN A 236 1.11 -4.02 23.07
C ASN A 236 0.95 -4.40 21.59
N THR A 237 2.07 -4.43 20.87
CA THR A 237 2.03 -4.75 19.46
C THR A 237 2.50 -6.21 19.23
N LEU A 238 1.69 -6.97 18.49
CA LEU A 238 2.19 -8.20 17.84
C LEU A 238 2.67 -7.89 16.41
N VAL A 239 3.88 -8.31 16.08
CA VAL A 239 4.43 -8.17 14.72
C VAL A 239 4.44 -9.55 14.09
N VAL A 240 3.76 -9.70 12.96
CA VAL A 240 3.66 -11.03 12.34
C VAL A 240 4.56 -11.01 11.12
N LEU A 241 5.76 -11.54 11.29
CA LEU A 241 6.73 -11.51 10.21
C LEU A 241 6.63 -12.78 9.39
N MSE A 242 6.33 -12.60 8.10
CA MSE A 242 6.15 -13.73 7.18
C MSE A 242 7.24 -13.71 6.15
O MSE A 242 7.39 -12.72 5.45
CB MSE A 242 4.77 -13.68 6.51
CG MSE A 242 3.64 -13.78 7.52
SE MSE A 242 1.89 -13.64 6.65
CE MSE A 242 1.99 -11.75 6.02
N ALA A 243 7.99 -14.78 6.04
CA ALA A 243 9.10 -14.83 5.07
C ALA A 243 9.31 -16.23 4.58
N GLN A 244 9.62 -16.39 3.29
CA GLN A 244 9.79 -17.72 2.80
C GLN A 244 11.19 -18.23 3.03
N GLU A 245 12.14 -17.33 2.81
CA GLU A 245 13.55 -17.52 3.11
C GLU A 245 14.01 -16.39 4.07
N LEU A 246 14.82 -16.75 5.05
CA LEU A 246 15.25 -15.81 6.07
C LEU A 246 16.73 -15.57 5.97
N PHE A 247 17.14 -14.33 6.25
CA PHE A 247 18.57 -14.00 6.26
C PHE A 247 18.86 -13.00 7.37
N GLU A 248 20.10 -12.62 7.53
CA GLU A 248 20.50 -11.79 8.68
C GLU A 248 19.66 -10.54 8.89
N TRP A 249 19.12 -9.97 7.82
CA TRP A 249 18.30 -8.75 7.99
C TRP A 249 17.03 -9.06 8.77
N HIS A 250 16.44 -10.25 8.58
CA HIS A 250 15.24 -10.59 9.36
C HIS A 250 15.58 -10.72 10.85
N LYS A 251 16.76 -11.26 11.14
CA LYS A 251 17.21 -11.37 12.54
C LYS A 251 17.31 -10.01 13.19
N LYS A 252 17.96 -9.07 12.51
CA LYS A 252 18.04 -7.70 12.99
C LYS A 252 16.66 -7.06 13.16
N LEU A 253 15.76 -7.34 12.23
CA LEU A 253 14.44 -6.71 12.25
C LEU A 253 13.64 -7.23 13.43
N VAL A 254 13.69 -8.55 13.67
CA VAL A 254 13.03 -9.14 14.85
C VAL A 254 13.56 -8.46 16.15
N ASN A 255 14.88 -8.29 16.21
CA ASN A 255 15.55 -7.73 17.39
C ASN A 255 15.23 -6.26 17.59
N GLU A 256 15.12 -5.52 16.49
CA GLU A 256 14.70 -4.13 16.56
C GLU A 256 13.27 -4.04 17.11
N PHE A 257 12.35 -4.89 16.63
CA PHE A 257 11.00 -4.83 17.21
C PHE A 257 10.99 -5.24 18.70
N LYS A 258 11.73 -6.31 19.03
CA LYS A 258 11.83 -6.74 20.41
C LYS A 258 12.40 -5.66 21.32
N GLY A 259 13.35 -4.88 20.79
CA GLY A 259 13.90 -3.70 21.49
C GLY A 259 12.87 -2.62 21.84
N GLN A 260 11.84 -2.48 21.01
CA GLN A 260 10.70 -1.60 21.31
C GLN A 260 9.67 -2.32 22.16
N ARG A 261 9.98 -3.55 22.57
CA ARG A 261 9.12 -4.38 23.43
C ARG A 261 7.94 -5.07 22.74
N ALA A 262 7.86 -4.93 21.42
CA ALA A 262 6.88 -5.66 20.62
C ALA A 262 7.18 -7.16 20.68
N ARG A 263 6.16 -7.98 20.49
CA ARG A 263 6.38 -9.41 20.41
C ARG A 263 6.27 -9.78 18.94
N VAL A 264 7.00 -10.83 18.55
CA VAL A 264 7.11 -11.23 17.16
C VAL A 264 6.67 -12.67 16.96
N LEU A 265 5.70 -12.85 16.05
CA LEU A 265 5.38 -14.14 15.52
C LEU A 265 6.07 -14.27 14.17
N LEU A 266 6.99 -15.21 14.06
CA LEU A 266 7.62 -15.45 12.78
C LEU A 266 6.94 -16.66 12.11
N ILE A 267 6.38 -16.43 10.91
CA ILE A 267 5.81 -17.50 10.08
C ILE A 267 6.71 -17.71 8.90
N SER A 268 7.19 -18.94 8.73
CA SER A 268 8.14 -19.19 7.64
C SER A 268 7.95 -20.57 7.05
N ASN A 269 8.56 -20.82 5.90
CA ASN A 269 8.65 -22.12 5.24
C ASN A 269 9.87 -22.93 5.67
N SER A 270 10.71 -22.28 6.47
CA SER A 270 12.01 -22.77 6.90
C SER A 270 12.19 -22.56 8.41
N GLN A 271 12.72 -23.56 9.12
CA GLN A 271 13.06 -23.37 10.54
C GLN A 271 14.13 -22.27 10.67
N GLN A 272 13.88 -21.23 11.47
CA GLN A 272 14.93 -20.26 11.78
C GLN A 272 14.75 -19.71 13.21
N GLU A 273 15.80 -19.80 14.03
CA GLU A 273 15.74 -19.39 15.42
C GLU A 273 16.31 -18.01 15.59
N PHE A 274 15.46 -16.99 15.54
CA PHE A 274 15.91 -15.62 15.78
C PHE A 274 15.51 -15.03 17.11
N GLY A 275 15.03 -15.84 18.05
CA GLY A 275 14.61 -15.31 19.35
C GLY A 275 13.17 -14.77 19.31
N GLN A 276 12.50 -14.94 18.18
CA GLN A 276 11.08 -14.55 18.06
C GLN A 276 10.25 -15.17 19.22
N ASP A 277 9.19 -14.50 19.60
CA ASP A 277 8.37 -14.96 20.70
C ASP A 277 7.55 -16.19 20.32
N TYR A 278 7.10 -16.21 19.07
CA TYR A 278 6.22 -17.27 18.59
C TYR A 278 6.72 -17.69 17.23
N SER A 279 6.60 -18.97 16.92
CA SER A 279 7.03 -19.48 15.62
C SER A 279 6.01 -20.43 15.02
N ILE A 280 5.70 -20.26 13.72
CA ILE A 280 4.92 -21.22 12.96
C ILE A 280 5.70 -21.53 11.72
N GLU A 281 5.96 -22.81 11.48
CA GLU A 281 6.59 -23.21 10.21
C GLU A 281 5.58 -23.90 9.29
N VAL A 282 5.50 -23.51 8.02
CA VAL A 282 4.60 -24.18 7.05
C VAL A 282 5.41 -24.91 5.96
N PRO A 283 4.81 -25.92 5.27
CA PRO A 283 5.63 -26.66 4.31
C PRO A 283 6.15 -25.78 3.19
N ARG A 284 7.36 -26.10 2.71
CA ARG A 284 7.93 -25.47 1.53
C ARG A 284 7.16 -25.92 0.27
N LEU A 285 6.89 -24.97 -0.63
CA LEU A 285 6.15 -25.20 -1.88
C LEU A 285 6.95 -24.49 -2.96
N SER A 286 6.52 -24.56 -4.21
CA SER A 286 7.13 -23.75 -5.26
C SER A 286 7.04 -22.25 -4.94
N LYS A 287 7.87 -21.44 -5.57
CA LYS A 287 7.87 -20.02 -5.31
C LYS A 287 6.47 -19.41 -5.38
N ASP A 288 5.74 -19.67 -6.46
CA ASP A 288 4.39 -19.14 -6.62
C ASP A 288 3.33 -19.67 -5.63
N ALA A 289 3.44 -20.93 -5.21
CA ALA A 289 2.43 -21.50 -4.30
C ALA A 289 2.72 -21.15 -2.82
N THR A 290 3.95 -20.71 -2.57
CA THR A 290 4.48 -20.40 -1.23
C THR A 290 3.49 -19.66 -0.29
N PRO A 291 2.81 -18.61 -0.77
CA PRO A 291 1.90 -17.90 0.10
C PRO A 291 0.70 -18.71 0.59
N ILE A 292 0.37 -19.80 -0.09
CA ILE A 292 -0.91 -20.44 0.16
C ILE A 292 -1.08 -20.90 1.65
N PRO A 293 -0.09 -21.62 2.22
CA PRO A 293 -0.31 -22.02 3.63
C PRO A 293 -0.28 -20.91 4.66
N TYR A 294 0.25 -19.73 4.31
CA TYR A 294 0.23 -18.59 5.23
C TYR A 294 -1.17 -18.07 5.47
N LEU A 295 -2.01 -18.15 4.44
CA LEU A 295 -3.36 -17.60 4.52
C LEU A 295 -4.22 -18.19 5.64
N PRO A 296 -4.38 -19.53 5.72
CA PRO A 296 -5.19 -20.01 6.84
C PRO A 296 -4.58 -19.70 8.20
N VAL A 297 -3.26 -19.58 8.31
CA VAL A 297 -2.66 -19.14 9.59
C VAL A 297 -3.13 -17.75 10.02
N VAL A 298 -2.99 -16.77 9.12
CA VAL A 298 -3.40 -15.38 9.46
C VAL A 298 -4.93 -15.25 9.58
N GLN A 299 -5.65 -16.10 8.85
CA GLN A 299 -7.13 -16.13 8.97
C GLN A 299 -7.54 -16.65 10.33
N LEU A 300 -6.90 -17.75 10.78
CA LEU A 300 -7.14 -18.27 12.13
C LEU A 300 -6.77 -17.26 13.22
N LEU A 301 -5.61 -16.60 13.07
CA LEU A 301 -5.19 -15.58 14.03
C LEU A 301 -6.23 -14.47 14.14
N SER A 302 -6.69 -13.98 13.00
CA SER A 302 -7.71 -12.94 12.97
C SER A 302 -9.05 -13.41 13.61
N TYR A 303 -9.41 -14.64 13.32
CA TYR A 303 -10.66 -15.21 13.81
C TYR A 303 -10.61 -15.28 15.35
N TYR A 304 -9.50 -15.78 15.87
CA TYR A 304 -9.41 -15.96 17.31
C TYR A 304 -9.29 -14.65 18.08
N LYS A 305 -8.62 -13.66 17.50
CA LYS A 305 -8.61 -12.33 18.09
C LYS A 305 -10.02 -11.68 18.13
N ALA A 306 -10.80 -11.84 17.06
CA ALA A 306 -12.19 -11.38 17.06
C ALA A 306 -13.00 -12.09 18.13
N VAL A 307 -12.86 -13.41 18.23
CA VAL A 307 -13.62 -14.13 19.27
C VAL A 307 -13.21 -13.65 20.70
N ALA A 308 -11.90 -13.51 20.94
CA ALA A 308 -11.41 -12.95 22.21
C ALA A 308 -12.02 -11.58 22.54
N ARG A 309 -12.28 -10.77 21.52
CA ARG A 309 -12.88 -9.46 21.74
C ARG A 309 -14.41 -9.48 21.84
N GLY A 310 -14.99 -10.66 21.88
CA GLY A 310 -16.43 -10.84 22.01
C GLY A 310 -17.20 -10.49 20.75
N LEU A 311 -16.53 -10.59 19.60
CA LEU A 311 -17.16 -10.23 18.34
C LEU A 311 -17.56 -11.45 17.53
N ASN A 312 -18.54 -11.25 16.65
CA ASN A 312 -18.98 -12.31 15.74
C ASN A 312 -18.44 -12.02 14.34
N PRO A 313 -17.42 -12.78 13.89
CA PRO A 313 -16.78 -12.51 12.59
C PRO A 313 -17.64 -12.87 11.37
N ASP A 314 -18.69 -13.67 11.58
CA ASP A 314 -19.62 -14.08 10.51
C ASP A 314 -20.43 -12.90 9.98
N ASN A 315 -20.75 -11.97 10.88
CA ASN A 315 -21.45 -10.72 10.51
C ASN A 315 -20.97 -9.51 11.31
N PRO A 316 -19.88 -8.88 10.82
CA PRO A 316 -19.31 -7.65 11.37
C PRO A 316 -20.19 -6.39 11.19
N ARG A 317 -20.13 -5.49 12.18
CA ARG A 317 -20.76 -4.16 12.13
C ARG A 317 -20.51 -3.44 10.79
N PHE A 318 -21.56 -2.80 10.27
CA PHE A 318 -21.46 -1.93 9.08
C PHE A 318 -21.23 -2.64 7.72
N LEU A 319 -20.80 -3.90 7.74
CA LEU A 319 -20.43 -4.65 6.51
C LEU A 319 -21.56 -5.42 5.80
N ASP A 320 -21.55 -5.34 4.48
CA ASP A 320 -22.44 -6.10 3.63
C ASP A 320 -21.72 -7.33 3.09
N MSE B 1 9.37 24.28 17.96
CA MSE B 1 9.50 22.92 17.37
C MSE B 1 9.93 22.99 15.91
O MSE B 1 9.25 23.61 15.08
CB MSE B 1 8.18 22.18 17.48
CG MSE B 1 8.32 20.68 17.61
SE MSE B 1 8.42 20.12 19.45
CE MSE B 1 10.27 20.65 19.91
N LYS B 2 11.04 22.31 15.59
CA LYS B 2 11.63 22.34 14.23
C LYS B 2 10.65 21.86 13.17
N THR B 3 9.75 20.94 13.51
CA THR B 3 8.82 20.31 12.55
C THR B 3 7.77 21.28 12.04
N LEU B 4 7.17 22.03 12.97
CA LEU B 4 6.31 23.19 12.62
C LEU B 4 7.00 24.21 11.73
N THR B 5 8.19 24.64 12.16
CA THR B 5 8.98 25.58 11.39
C THR B 5 9.22 25.07 9.98
N GLU B 6 9.60 23.80 9.87
CA GLU B 6 9.90 23.21 8.56
C GLU B 6 8.65 23.07 7.69
N ILE B 7 7.51 22.72 8.29
CA ILE B 7 6.25 22.72 7.54
C ILE B 7 5.98 24.13 7.01
N LYS B 8 6.16 25.14 7.86
CA LYS B 8 5.92 26.54 7.47
C LYS B 8 6.86 27.01 6.38
N GLN B 9 7.98 26.31 6.20
CA GLN B 9 8.95 26.66 5.15
C GLN B 9 8.51 26.17 3.74
N THR B 10 7.29 25.61 3.64
CA THR B 10 6.84 24.98 2.40
C THR B 10 6.88 25.93 1.19
N PRO B 11 6.34 27.17 1.32
CA PRO B 11 6.50 28.14 0.20
C PRO B 11 7.92 28.38 -0.30
N LYS B 12 8.82 28.67 0.62
CA LYS B 12 10.23 28.85 0.29
C LYS B 12 10.85 27.58 -0.39
N GLY B 13 10.48 26.40 0.11
CA GLY B 13 10.85 25.15 -0.59
C GLY B 13 10.45 25.11 -2.06
N ILE B 14 9.26 25.63 -2.39
CA ILE B 14 8.81 25.67 -3.82
C ILE B 14 9.76 26.49 -4.69
N ILE B 15 10.18 27.66 -4.18
CA ILE B 15 11.14 28.49 -4.90
C ILE B 15 12.47 27.80 -5.07
N LYS B 16 13.07 27.34 -3.97
CA LYS B 16 14.31 26.54 -4.03
C LYS B 16 14.21 25.39 -5.01
N ALA B 17 13.06 24.70 -5.00
CA ALA B 17 12.76 23.59 -5.92
C ALA B 17 12.83 24.05 -7.37
N ASP B 18 12.21 25.20 -7.65
CA ASP B 18 12.29 25.83 -8.96
C ASP B 18 13.74 26.12 -9.38
N GLU B 19 14.54 26.59 -8.41
CA GLU B 19 15.95 26.85 -8.73
C GLU B 19 16.80 25.59 -8.97
N SER B 20 16.57 24.53 -8.18
CA SER B 20 17.28 23.26 -8.43
C SER B 20 16.95 22.76 -9.82
N PHE B 21 15.66 22.80 -10.18
CA PHE B 21 15.20 22.47 -11.56
C PHE B 21 15.97 23.26 -12.64
N ASN B 22 16.00 24.58 -12.48
CA ASN B 22 16.70 25.44 -13.42
C ASN B 22 18.18 25.14 -13.55
N GLN B 23 18.77 24.64 -12.47
CA GLN B 23 20.19 24.28 -12.50
C GLN B 23 20.50 23.08 -13.38
N VAL B 24 19.56 22.14 -13.43
CA VAL B 24 19.77 20.89 -14.16
C VAL B 24 18.97 20.73 -15.48
N LYS B 25 18.02 21.61 -15.76
CA LYS B 25 17.09 21.38 -16.89
C LYS B 25 17.74 21.12 -18.24
N ASP B 26 18.94 21.69 -18.46
CA ASP B 26 19.62 21.52 -19.75
C ASP B 26 20.61 20.35 -19.70
N LYS B 27 20.81 19.78 -18.52
CA LYS B 27 21.67 18.62 -18.37
C LYS B 27 20.92 17.28 -18.40
N ILE B 28 19.66 17.28 -17.98
CA ILE B 28 18.89 16.02 -17.83
C ILE B 28 17.61 16.05 -18.64
N ARG B 29 17.46 15.10 -19.57
CA ARG B 29 16.15 14.92 -20.21
C ARG B 29 15.53 13.62 -19.73
N LEU B 30 14.38 13.71 -19.09
CA LEU B 30 13.70 12.50 -18.58
C LEU B 30 13.04 11.75 -19.72
N PRO B 31 13.19 10.41 -19.75
CA PRO B 31 12.59 9.67 -20.84
C PRO B 31 11.11 9.27 -20.57
N ARG B 32 10.57 8.35 -21.36
CA ARG B 32 9.22 7.92 -21.17
C ARG B 32 9.09 6.76 -20.16
N ARG B 33 10.06 5.85 -20.11
CA ARG B 33 9.99 4.73 -19.15
C ARG B 33 10.89 4.98 -17.95
N ILE B 34 10.26 5.23 -16.79
CA ILE B 34 11.00 5.54 -15.57
C ILE B 34 10.59 4.69 -14.37
N LEU B 35 11.57 4.09 -13.73
CA LEU B 35 11.37 3.38 -12.46
C LEU B 35 11.64 4.33 -11.28
N TYR B 36 10.78 4.35 -10.25
CA TYR B 36 11.09 5.23 -9.10
C TYR B 36 11.29 4.42 -7.82
N LEU B 37 12.41 4.67 -7.12
CA LEU B 37 12.78 3.89 -5.96
C LEU B 37 12.94 4.76 -4.72
N GLY B 38 12.20 4.48 -3.65
CA GLY B 38 12.37 5.18 -2.39
C GLY B 38 11.92 4.34 -1.23
N CYS B 39 12.15 4.83 -0.01
CA CYS B 39 11.65 4.16 1.21
C CYS B 39 10.92 5.15 2.11
N GLY B 40 9.92 4.69 2.87
CA GLY B 40 9.20 5.57 3.80
C GLY B 40 8.50 6.68 3.05
N SER B 41 8.66 7.93 3.50
CA SER B 41 8.10 9.08 2.78
C SER B 41 8.56 9.13 1.35
N SER B 42 9.82 8.77 1.09
CA SER B 42 10.35 8.83 -0.26
C SER B 42 9.80 7.76 -1.16
N HIS B 43 9.27 6.69 -0.57
CA HIS B 43 8.52 5.72 -1.39
C HIS B 43 7.19 6.31 -1.85
N PHE B 44 6.46 6.96 -0.92
CA PHE B 44 5.20 7.58 -1.29
C PHE B 44 5.39 8.69 -2.33
N LEU B 45 6.49 9.42 -2.20
CA LEU B 45 6.89 10.37 -3.21
C LEU B 45 7.16 9.66 -4.54
N ALA B 46 7.90 8.56 -4.51
CA ALA B 46 8.13 7.74 -5.70
C ALA B 46 6.79 7.36 -6.37
N LYS B 47 5.77 6.96 -5.58
CA LYS B 47 4.45 6.63 -6.17
C LYS B 47 3.85 7.86 -6.89
N LEU B 48 3.96 9.04 -6.27
CA LEU B 48 3.48 10.28 -6.90
C LEU B 48 4.16 10.58 -8.23
N LEU B 49 5.48 10.40 -8.23
CA LEU B 49 6.28 10.66 -9.44
C LEU B 49 5.96 9.67 -10.56
N ALA B 50 5.75 8.42 -10.17
CA ALA B 50 5.31 7.39 -11.11
C ALA B 50 3.96 7.78 -11.74
N MSE B 51 3.01 8.23 -10.90
CA MSE B 51 1.67 8.65 -11.36
C MSE B 51 1.72 9.80 -12.38
O MSE B 51 1.12 9.69 -13.46
CB MSE B 51 0.74 9.01 -10.20
CG MSE B 51 0.33 7.85 -9.31
SE MSE B 51 -0.99 8.46 -8.01
CE MSE B 51 -1.70 6.68 -7.45
N VAL B 52 2.44 10.88 -12.06
CA VAL B 52 2.58 11.99 -13.01
C VAL B 52 3.28 11.60 -14.29
N THR B 53 4.20 10.64 -14.22
CA THR B 53 4.82 10.07 -15.43
C THR B 53 3.75 9.37 -16.31
N ASN B 54 2.88 8.60 -15.68
CA ASN B 54 1.78 8.00 -16.41
C ASN B 54 0.83 9.07 -16.99
N MSE B 55 0.42 10.03 -16.16
CA MSE B 55 -0.43 11.12 -16.61
C MSE B 55 0.12 11.86 -17.82
O MSE B 55 -0.64 12.19 -18.72
CB MSE B 55 -0.63 12.10 -15.48
CG MSE B 55 -1.81 13.09 -15.59
CG MSE B 55 -1.69 11.65 -14.56
SE MSE B 55 -1.95 14.18 -13.93
SE MSE B 55 -1.44 12.50 -12.90
CE MSE B 55 -2.27 12.64 -12.70
CE MSE B 55 -3.17 12.01 -12.18
N HIS B 56 1.43 12.12 -17.83
CA HIS B 56 2.03 12.89 -18.93
C HIS B 56 2.34 12.00 -20.12
N GLY B 57 1.85 10.77 -20.09
CA GLY B 57 1.94 9.88 -21.24
C GLY B 57 3.14 8.95 -21.27
N GLY B 58 3.88 8.86 -20.16
CA GLY B 58 5.00 7.90 -20.07
C GLY B 58 4.58 6.63 -19.35
N THR B 59 5.57 5.83 -18.93
CA THR B 59 5.29 4.69 -18.10
C THR B 59 6.09 4.86 -16.80
N GLY B 60 5.35 5.04 -15.70
CA GLY B 60 5.94 5.21 -14.39
C GLY B 60 5.57 4.05 -13.46
N VAL B 61 6.61 3.50 -12.84
CA VAL B 61 6.48 2.40 -11.89
C VAL B 61 7.27 2.80 -10.66
N ALA B 62 6.71 2.54 -9.48
CA ALA B 62 7.37 2.78 -8.19
C ALA B 62 7.23 1.57 -7.27
N LEU B 63 8.29 1.25 -6.53
CA LEU B 63 8.23 0.23 -5.48
C LEU B 63 9.21 0.58 -4.36
N PRO B 64 8.97 0.06 -3.15
CA PRO B 64 9.96 0.28 -2.09
C PRO B 64 11.32 -0.30 -2.47
N CYS B 65 12.41 0.33 -2.07
CA CYS B 65 13.72 -0.18 -2.44
C CYS B 65 13.94 -1.60 -1.96
N SER B 66 13.48 -1.97 -0.78
CA SER B 66 13.69 -3.38 -0.36
C SER B 66 12.96 -4.40 -1.22
N GLU B 67 11.82 -4.02 -1.79
CA GLU B 67 11.09 -4.90 -2.71
C GLU B 67 11.84 -5.11 -4.01
N PHE B 68 12.52 -4.06 -4.47
CA PHE B 68 13.41 -4.16 -5.59
C PHE B 68 14.64 -5.04 -5.27
N LEU B 69 15.23 -4.87 -4.08
CA LEU B 69 16.34 -5.75 -3.71
C LEU B 69 15.97 -7.24 -3.68
N TYR B 70 14.80 -7.59 -3.13
CA TYR B 70 14.56 -9.02 -2.79
C TYR B 70 13.43 -9.68 -3.51
N SER B 71 12.53 -8.86 -4.06
CA SER B 71 11.37 -9.38 -4.78
C SER B 71 11.06 -8.65 -6.10
N LYS B 72 12.07 -8.24 -6.88
CA LYS B 72 11.75 -7.43 -8.05
C LYS B 72 10.94 -8.15 -9.13
N GLU B 73 11.07 -9.49 -9.21
CA GLU B 73 10.37 -10.26 -10.24
C GLU B 73 8.85 -10.18 -10.07
N ALA B 74 8.39 -9.77 -8.88
CA ALA B 74 6.95 -9.67 -8.61
C ALA B 74 6.31 -8.38 -9.14
N TYR B 75 7.13 -7.46 -9.64
CA TYR B 75 6.64 -6.09 -9.96
C TYR B 75 6.77 -5.85 -11.44
N PRO B 76 5.87 -5.01 -12.00
CA PRO B 76 5.81 -4.74 -13.44
C PRO B 76 6.88 -3.70 -13.85
N ILE B 77 8.13 -4.07 -13.61
CA ILE B 77 9.25 -3.16 -13.80
C ILE B 77 9.53 -2.93 -15.28
N GLY B 78 9.67 -4.00 -16.05
CA GLY B 78 9.84 -3.86 -17.50
C GLY B 78 11.28 -3.51 -17.80
N LYS B 79 11.48 -2.55 -18.70
CA LYS B 79 12.82 -2.13 -19.08
C LYS B 79 12.84 -0.61 -19.03
N PRO B 80 12.98 -0.04 -17.82
CA PRO B 80 12.92 1.43 -17.73
C PRO B 80 14.13 2.04 -18.42
N GLU B 81 14.00 3.30 -18.83
CA GLU B 81 15.08 3.99 -19.55
C GLU B 81 15.89 4.80 -18.57
N LEU B 82 15.31 5.02 -17.39
CA LEU B 82 15.91 5.77 -16.29
C LEU B 82 15.40 5.20 -14.96
N VAL B 83 16.30 5.08 -13.98
CA VAL B 83 15.88 4.79 -12.62
C VAL B 83 16.15 6.00 -11.74
N VAL B 84 15.13 6.39 -10.97
CA VAL B 84 15.22 7.50 -10.03
C VAL B 84 15.29 6.98 -8.61
N GLY B 85 16.41 7.25 -7.92
CA GLY B 85 16.50 6.99 -6.46
C GLY B 85 16.24 8.22 -5.61
N ILE B 86 15.40 8.05 -4.56
CA ILE B 86 15.00 9.19 -3.71
C ILE B 86 15.36 8.96 -2.24
N SER B 87 16.07 9.93 -1.65
CA SER B 87 16.43 9.88 -0.25
C SER B 87 16.78 11.30 0.21
N ARG B 88 16.04 11.78 1.19
CA ARG B 88 16.22 13.13 1.72
C ARG B 88 17.66 13.32 2.18
N SER B 89 18.15 12.44 3.06
CA SER B 89 19.58 12.49 3.43
C SER B 89 20.53 12.19 2.27
N GLY B 90 20.12 11.32 1.34
CA GLY B 90 21.05 10.80 0.32
C GLY B 90 21.91 9.65 0.88
N GLU B 91 21.59 9.23 2.10
CA GLU B 91 22.40 8.21 2.77
C GLU B 91 21.61 6.96 3.15
N THR B 92 20.35 6.87 2.69
CA THR B 92 19.49 5.71 2.95
C THR B 92 20.12 4.51 2.25
N THR B 93 20.58 3.53 3.03
CA THR B 93 21.40 2.45 2.49
C THR B 93 20.69 1.68 1.38
N GLU B 94 19.37 1.46 1.52
CA GLU B 94 18.62 0.63 0.60
C GLU B 94 18.57 1.28 -0.77
N VAL B 95 18.58 2.61 -0.81
CA VAL B 95 18.57 3.27 -2.08
C VAL B 95 19.86 3.02 -2.84
N LEU B 96 20.99 3.16 -2.14
CA LEU B 96 22.29 2.86 -2.73
C LEU B 96 22.39 1.41 -3.18
N LEU B 97 22.00 0.48 -2.30
CA LEU B 97 22.01 -0.94 -2.65
C LEU B 97 21.21 -1.28 -3.88
N ALA B 98 20.02 -0.71 -4.02
CA ALA B 98 19.17 -1.01 -5.17
C ALA B 98 19.81 -0.42 -6.43
N LEU B 99 20.23 0.84 -6.37
CA LEU B 99 20.86 1.49 -7.52
C LEU B 99 22.11 0.79 -8.00
N GLU B 100 22.87 0.18 -7.08
CA GLU B 100 24.11 -0.49 -7.45
C GLU B 100 23.85 -1.67 -8.39
N LYS B 101 22.67 -2.27 -8.27
CA LYS B 101 22.29 -3.41 -9.09
C LYS B 101 21.74 -3.03 -10.46
N ILE B 102 21.66 -1.74 -10.75
CA ILE B 102 21.00 -1.22 -11.95
C ILE B 102 22.06 -0.68 -12.91
N ASN B 103 21.93 -1.02 -14.20
CA ASN B 103 22.89 -0.62 -15.25
C ASN B 103 22.38 0.54 -16.08
N THR B 104 21.09 0.81 -15.97
CA THR B 104 20.50 1.91 -16.73
C THR B 104 20.93 3.28 -16.15
N PRO B 105 20.79 4.37 -16.91
CA PRO B 105 21.05 5.70 -16.34
C PRO B 105 20.29 5.89 -15.01
N LYS B 106 20.87 6.71 -14.12
CA LYS B 106 20.32 6.91 -12.79
C LYS B 106 20.27 8.37 -12.43
N LEU B 107 19.15 8.76 -11.82
CA LEU B 107 18.99 10.09 -11.27
C LEU B 107 18.73 10.02 -9.78
N GLY B 108 19.55 10.76 -9.00
CA GLY B 108 19.40 10.86 -7.55
C GLY B 108 18.64 12.12 -7.17
N ILE B 109 17.63 11.97 -6.33
CA ILE B 109 16.91 13.13 -5.78
C ILE B 109 17.21 13.17 -4.29
N SER B 110 17.84 14.24 -3.82
CA SER B 110 18.18 14.37 -2.42
C SER B 110 18.16 15.83 -1.97
N ALA B 111 18.20 16.07 -0.66
CA ALA B 111 18.40 17.41 -0.14
C ALA B 111 19.89 17.78 -0.04
N TYR B 112 20.79 16.79 -0.26
CA TYR B 112 22.24 16.96 -0.09
C TYR B 112 23.07 16.25 -1.16
N GLU B 113 24.20 16.85 -1.55
CA GLU B 113 25.24 16.06 -2.21
C GLU B 113 25.67 15.03 -1.18
N SER B 114 25.75 13.77 -1.61
CA SER B 114 25.69 12.63 -0.70
C SER B 114 26.13 11.40 -1.44
N SER B 115 26.23 10.28 -0.74
CA SER B 115 26.45 8.99 -1.41
C SER B 115 25.51 8.82 -2.61
N LEU B 116 24.25 9.19 -2.45
CA LEU B 116 23.26 8.93 -3.50
C LEU B 116 23.61 9.71 -4.74
N THR B 117 23.86 11.00 -4.57
CA THR B 117 24.20 11.84 -5.72
C THR B 117 25.50 11.41 -6.40
N ARG B 118 26.50 11.03 -5.61
CA ARG B 118 27.75 10.49 -6.15
C ARG B 118 27.56 9.21 -6.96
N ALA B 119 26.58 8.37 -6.57
CA ALA B 119 26.31 7.08 -7.19
C ALA B 119 25.40 7.14 -8.42
N CYS B 120 24.92 8.32 -8.76
CA CYS B 120 24.02 8.47 -9.89
C CYS B 120 24.68 9.23 -11.04
N ASP B 121 24.11 9.12 -12.24
CA ASP B 121 24.61 9.84 -13.41
C ASP B 121 24.26 11.30 -13.29
N TYR B 122 23.08 11.58 -12.75
CA TYR B 122 22.54 12.94 -12.68
C TYR B 122 21.92 13.08 -11.29
N SER B 123 21.71 14.32 -10.86
CA SER B 123 21.20 14.56 -9.53
C SER B 123 20.34 15.79 -9.50
N LEU B 124 19.24 15.67 -8.79
CA LEU B 124 18.36 16.77 -8.57
C LEU B 124 18.49 17.03 -7.09
N VAL B 125 19.33 18.01 -6.74
CA VAL B 125 19.56 18.36 -5.33
C VAL B 125 18.76 19.61 -5.00
N VAL B 126 17.84 19.45 -4.04
CA VAL B 126 16.90 20.48 -3.62
C VAL B 126 17.24 20.78 -2.16
N PRO B 127 17.84 21.96 -1.90
CA PRO B 127 18.42 22.22 -0.59
C PRO B 127 17.42 22.73 0.43
N THR B 128 16.35 21.98 0.64
CA THR B 128 15.46 22.28 1.75
C THR B 128 16.09 21.68 3.00
N ILE B 129 16.34 22.48 4.02
CA ILE B 129 17.00 21.93 5.20
C ILE B 129 15.94 21.55 6.22
N GLU B 130 16.06 20.33 6.71
CA GLU B 130 15.14 19.80 7.71
C GLU B 130 15.98 19.15 8.79
N GLU B 131 15.66 19.46 10.04
CA GLU B 131 16.36 18.93 11.20
C GLU B 131 15.50 17.88 11.86
N SER B 132 14.19 17.96 11.63
CA SER B 132 13.27 16.96 12.15
C SER B 132 13.57 15.57 11.53
N VAL B 133 13.33 14.52 12.32
CA VAL B 133 13.41 13.15 11.85
C VAL B 133 12.28 12.95 10.84
N VAL B 134 11.20 13.72 11.05
CA VAL B 134 10.04 13.72 10.15
C VAL B 134 10.18 14.64 8.93
N MSE B 135 10.11 14.05 7.74
CA MSE B 135 10.19 14.80 6.49
C MSE B 135 8.85 15.54 6.25
O MSE B 135 7.78 14.95 6.35
CB MSE B 135 10.49 13.85 5.35
CG MSE B 135 10.68 14.46 3.99
SE MSE B 135 11.12 12.97 2.79
CE MSE B 135 11.32 13.90 1.13
N THR B 136 8.92 16.82 5.92
CA THR B 136 7.70 17.61 5.68
C THR B 136 7.83 18.37 4.38
N HIS B 137 8.28 19.62 4.44
CA HIS B 137 8.37 20.45 3.24
C HIS B 137 9.34 19.96 2.19
N SER B 138 10.28 19.07 2.56
CA SER B 138 11.20 18.49 1.56
C SER B 138 10.43 17.58 0.60
N PHE B 139 9.40 16.90 1.10
CA PHE B 139 8.55 16.01 0.26
C PHE B 139 7.95 16.86 -0.88
N THR B 140 7.34 17.96 -0.48
CA THR B 140 6.64 18.87 -1.38
C THR B 140 7.60 19.58 -2.35
N ALA B 141 8.74 20.04 -1.85
CA ALA B 141 9.78 20.64 -2.70
C ALA B 141 10.40 19.70 -3.75
N PHE B 142 10.77 18.48 -3.33
CA PHE B 142 11.29 17.45 -4.28
C PHE B 142 10.20 17.21 -5.32
N TYR B 143 8.94 17.14 -4.87
CA TYR B 143 7.87 16.85 -5.81
C TYR B 143 7.78 17.94 -6.87
N PHE B 144 7.76 19.20 -6.44
CA PHE B 144 7.59 20.32 -7.39
C PHE B 144 8.78 20.43 -8.33
N ALA B 145 9.99 20.25 -7.80
CA ALA B 145 11.21 20.27 -8.59
C ALA B 145 11.22 19.23 -9.72
N TYR B 146 10.80 18.00 -9.42
CA TYR B 146 10.71 16.96 -10.43
C TYR B 146 9.60 17.21 -11.45
N LEU B 147 8.46 17.72 -10.98
CA LEU B 147 7.32 18.07 -11.87
C LEU B 147 7.75 19.03 -13.01
N GLN B 148 8.59 20.02 -12.64
CA GLN B 148 9.17 20.97 -13.63
C GLN B 148 10.03 20.23 -14.61
N LEU B 149 10.94 19.39 -14.11
CA LEU B 149 11.84 18.63 -14.95
C LEU B 149 11.11 17.71 -15.94
N LEU B 150 10.04 17.05 -15.50
CA LEU B 150 9.16 16.26 -16.39
C LEU B 150 8.50 17.09 -17.52
N ARG B 151 7.89 18.22 -17.16
CA ARG B 151 7.25 19.10 -18.14
C ARG B 151 8.28 19.63 -19.12
N HIS B 152 9.44 20.02 -18.61
CA HIS B 152 10.51 20.48 -19.48
C HIS B 152 10.99 19.36 -20.42
N SER B 153 11.21 18.16 -19.89
CA SER B 153 11.65 17.03 -20.68
C SER B 153 10.62 16.66 -21.74
N TYR B 154 9.35 16.77 -21.38
CA TYR B 154 8.26 16.37 -22.23
C TYR B 154 7.74 17.52 -23.12
N GLY B 155 8.53 18.59 -23.28
CA GLY B 155 8.14 19.79 -24.02
C GLY B 155 6.82 20.45 -23.64
N LEU B 156 6.46 20.41 -22.37
CA LEU B 156 5.23 21.01 -21.85
C LEU B 156 5.50 22.39 -21.22
N PRO B 157 4.44 23.23 -21.06
CA PRO B 157 4.66 24.50 -20.37
C PRO B 157 5.13 24.24 -18.94
N LEU B 158 6.01 25.11 -18.44
CA LEU B 158 6.47 25.03 -17.06
C LEU B 158 5.37 25.57 -16.17
N LEU B 159 5.34 25.11 -14.92
CA LEU B 159 4.44 25.65 -13.90
C LEU B 159 5.08 26.95 -13.36
N GLU B 160 4.25 27.78 -12.75
CA GLU B 160 4.72 29.05 -12.17
C GLU B 160 5.01 28.86 -10.69
N ALA B 161 6.29 28.69 -10.34
CA ALA B 161 6.70 28.45 -8.94
C ALA B 161 6.00 29.39 -7.97
N THR B 162 6.01 30.67 -8.33
CA THR B 162 5.38 31.71 -7.51
C THR B 162 3.91 31.43 -7.20
N GLU B 163 3.14 30.95 -8.19
CA GLU B 163 1.73 30.60 -7.97
C GLU B 163 1.57 29.34 -7.08
N VAL B 164 2.39 28.33 -7.34
CA VAL B 164 2.40 27.11 -6.51
C VAL B 164 2.73 27.47 -5.04
N ALA B 165 3.72 28.35 -4.85
CA ALA B 165 4.11 28.77 -3.52
C ALA B 165 2.98 29.55 -2.78
N LYS B 166 2.31 30.45 -3.50
CA LYS B 166 1.17 31.15 -2.92
C LYS B 166 0.03 30.20 -2.56
N ALA B 167 -0.21 29.20 -3.40
CA ALA B 167 -1.18 28.13 -3.07
C ALA B 167 -0.88 27.52 -1.68
N THR B 168 0.40 27.28 -1.37
CA THR B 168 0.74 26.65 -0.08
C THR B 168 0.73 27.68 1.06
N GLU B 169 0.95 28.96 0.71
CA GLU B 169 0.75 30.07 1.69
C GLU B 169 -0.70 30.06 2.17
N LYS B 170 -1.65 29.91 1.25
CA LYS B 170 -3.07 29.88 1.59
C LYS B 170 -3.43 28.65 2.42
N ALA B 171 -2.87 27.50 2.07
CA ALA B 171 -3.10 26.27 2.82
C ALA B 171 -2.65 26.44 4.28
N LEU B 172 -1.49 27.07 4.46
CA LEU B 172 -0.89 27.23 5.78
C LEU B 172 -1.67 28.20 6.67
N GLU B 173 -2.40 29.14 6.05
CA GLU B 173 -3.28 30.04 6.77
C GLU B 173 -4.38 29.28 7.50
N TYR B 174 -4.53 27.97 7.21
CA TYR B 174 -5.50 27.12 7.96
C TYR B 174 -4.96 26.57 9.30
N GLU B 175 -3.73 26.93 9.66
CA GLU B 175 -3.10 26.43 10.89
C GLU B 175 -4.03 26.53 12.12
N ASN B 176 -4.63 27.72 12.36
CA ASN B 176 -5.48 27.91 13.53
C ASN B 176 -6.69 27.00 13.54
N TYR B 177 -7.43 27.02 12.42
CA TYR B 177 -8.57 26.13 12.20
C TYR B 177 -8.20 24.64 12.36
N ILE B 178 -6.97 24.28 11.99
CA ILE B 178 -6.52 22.90 12.14
C ILE B 178 -6.40 22.51 13.62
N LYS B 179 -5.74 23.35 14.44
CA LYS B 179 -5.69 23.15 15.90
C LYS B 179 -7.08 23.01 16.49
N GLU B 180 -8.01 23.84 15.99
CA GLU B 180 -9.38 23.81 16.49
C GLU B 180 -10.04 22.49 16.26
N ILE B 181 -9.84 21.91 15.08
CA ILE B 181 -10.33 20.54 14.84
C ILE B 181 -9.81 19.60 15.91
N VAL B 182 -8.51 19.66 16.13
CA VAL B 182 -7.84 18.80 17.12
C VAL B 182 -8.38 19.04 18.52
N GLU B 183 -8.53 20.32 18.89
CA GLU B 183 -9.12 20.72 20.17
C GLU B 183 -10.57 20.25 20.28
N ASP B 184 -11.28 20.25 19.15
CA ASP B 184 -12.72 19.97 19.10
C ASP B 184 -13.10 18.49 19.21
N PHE B 185 -12.31 17.61 18.60
CA PHE B 185 -12.66 16.20 18.46
C PHE B 185 -11.46 15.39 18.95
N ASP B 186 -11.63 14.69 20.08
CA ASP B 186 -10.57 13.81 20.60
C ASP B 186 -10.59 12.48 19.85
N PHE B 187 -10.29 12.52 18.56
CA PHE B 187 -10.38 11.33 17.75
C PHE B 187 -9.26 10.36 18.11
N GLN B 188 -9.60 9.08 18.03
CA GLN B 188 -8.77 7.96 18.46
C GLN B 188 -8.15 7.19 17.28
N ASN B 189 -8.65 7.49 16.07
CA ASN B 189 -8.00 7.08 14.83
C ASN B 189 -8.43 8.01 13.69
N VAL B 190 -7.69 7.95 12.58
CA VAL B 190 -7.94 8.82 11.43
C VAL B 190 -7.80 7.99 10.14
N ILE B 191 -8.71 8.20 9.18
CA ILE B 191 -8.59 7.60 7.88
C ILE B 191 -8.42 8.67 6.84
N PHE B 192 -7.31 8.65 6.11
CA PHE B 192 -7.09 9.60 5.02
C PHE B 192 -7.53 8.95 3.71
N LEU B 193 -8.27 9.69 2.88
CA LEU B 193 -8.82 9.21 1.59
C LEU B 193 -8.45 10.17 0.45
N GLY B 194 -8.07 9.57 -0.69
CA GLY B 194 -7.73 10.33 -1.89
C GLY B 194 -7.67 9.38 -3.07
N SER B 195 -7.92 9.90 -4.27
CA SER B 195 -7.90 9.12 -5.49
C SER B 195 -6.83 9.70 -6.39
N GLY B 196 -6.18 8.85 -7.22
CA GLY B 196 -5.13 9.32 -8.11
C GLY B 196 -4.00 9.95 -7.32
N LEU B 197 -3.56 11.15 -7.74
CA LEU B 197 -2.48 11.89 -7.06
C LEU B 197 -2.74 12.21 -5.61
N LEU B 198 -4.01 12.24 -5.19
CA LEU B 198 -4.31 12.46 -3.76
C LEU B 198 -4.17 11.18 -2.91
N TYR B 199 -4.05 10.02 -3.55
CA TYR B 199 -3.88 8.79 -2.77
C TYR B 199 -2.48 8.68 -2.09
N PRO B 200 -1.36 8.95 -2.82
CA PRO B 200 -0.06 9.05 -2.16
C PRO B 200 0.01 10.13 -1.08
N VAL B 201 -0.72 11.24 -1.28
CA VAL B 201 -0.87 12.26 -0.24
C VAL B 201 -1.54 11.67 1.00
N ALA B 202 -2.57 10.84 0.80
CA ALA B 202 -3.22 10.12 1.91
C ALA B 202 -2.27 9.15 2.64
N LEU B 203 -1.50 8.38 1.88
CA LEU B 203 -0.48 7.49 2.48
C LEU B 203 0.53 8.33 3.27
N GLU B 204 1.08 9.37 2.64
CA GLU B 204 2.05 10.24 3.32
C GLU B 204 1.49 10.88 4.61
N ALA B 205 0.27 11.39 4.54
CA ALA B 205 -0.41 11.99 5.70
C ALA B 205 -0.49 10.98 6.84
N SER B 206 -0.97 9.77 6.52
CA SER B 206 -1.10 8.72 7.49
C SER B 206 0.25 8.32 8.07
N LEU B 207 1.30 8.35 7.26
CA LEU B 207 2.69 8.16 7.80
C LEU B 207 3.09 9.27 8.76
N LYS B 208 2.74 10.54 8.44
CA LYS B 208 3.01 11.66 9.38
C LYS B 208 2.34 11.44 10.72
N MSE B 209 1.10 10.93 10.72
CA MSE B 209 0.40 10.54 11.98
C MSE B 209 1.13 9.49 12.81
O MSE B 209 1.19 9.60 14.03
CB MSE B 209 -1.00 10.00 11.71
CG MSE B 209 -2.02 11.06 11.41
SE MSE B 209 -2.48 12.16 13.07
CE MSE B 209 -3.70 13.49 12.15
N LYS B 210 1.61 8.44 12.13
CA LYS B 210 2.42 7.39 12.77
C LYS B 210 3.68 7.98 13.39
N GLU B 211 4.47 8.69 12.58
CA GLU B 211 5.77 9.21 13.03
C GLU B 211 5.60 10.30 14.13
N MSE B 212 4.78 11.32 13.86
CA MSE B 212 4.65 12.47 14.77
C MSE B 212 3.83 12.14 15.97
O MSE B 212 4.19 12.49 17.11
CB MSE B 212 4.01 13.66 14.06
CG MSE B 212 4.80 14.18 12.87
SE MSE B 212 3.94 15.83 12.25
CE MSE B 212 4.92 16.15 10.57
N ALA B 213 2.71 11.47 15.73
CA ALA B 213 1.71 11.34 16.78
C ALA B 213 1.65 9.94 17.40
N ILE B 214 2.47 9.02 16.88
CA ILE B 214 2.44 7.61 17.30
C ILE B 214 0.99 7.11 17.35
N PHE B 215 0.28 7.26 16.24
CA PHE B 215 -1.19 7.21 16.23
C PHE B 215 -1.75 6.22 15.21
N TRP B 216 -2.92 5.65 15.52
CA TRP B 216 -3.69 4.79 14.59
C TRP B 216 -4.22 5.63 13.43
N SER B 217 -3.55 5.52 12.29
CA SER B 217 -3.97 6.19 11.08
C SER B 217 -3.99 5.18 9.94
N GLU B 218 -4.96 5.33 9.03
CA GLU B 218 -5.10 4.49 7.84
C GLU B 218 -5.26 5.37 6.61
N ALA B 219 -4.93 4.84 5.42
CA ALA B 219 -5.07 5.56 4.15
C ALA B 219 -5.60 4.63 3.08
N TYR B 220 -6.55 5.13 2.27
CA TYR B 220 -7.14 4.33 1.18
C TYR B 220 -7.41 5.15 -0.07
N PRO B 221 -7.43 4.47 -1.24
CA PRO B 221 -8.04 5.18 -2.38
C PRO B 221 -9.48 5.41 -1.99
N THR B 222 -9.95 6.61 -2.29
CA THR B 222 -11.20 7.12 -1.74
C THR B 222 -12.32 6.10 -1.58
N PHE B 223 -12.76 5.50 -2.68
CA PHE B 223 -13.95 4.63 -2.66
C PHE B 223 -13.63 3.20 -2.36
N GLU B 224 -12.33 2.89 -2.33
CA GLU B 224 -11.91 1.55 -1.96
C GLU B 224 -12.16 1.25 -0.45
N VAL B 225 -12.24 2.30 0.37
CA VAL B 225 -12.44 2.16 1.82
C VAL B 225 -13.77 1.46 2.16
N ARG B 226 -14.74 1.58 1.26
CA ARG B 226 -16.06 0.96 1.39
C ARG B 226 -16.02 -0.55 1.49
N HIS B 227 -14.99 -1.17 0.90
CA HIS B 227 -14.91 -2.62 0.86
C HIS B 227 -14.27 -3.29 2.04
N GLY B 228 -14.93 -3.18 3.19
CA GLY B 228 -14.49 -3.86 4.40
C GLY B 228 -13.75 -2.96 5.38
N PHE B 229 -12.93 -2.05 4.86
CA PHE B 229 -12.02 -1.20 5.67
C PHE B 229 -12.77 -0.25 6.59
N LYS B 230 -13.90 0.24 6.09
CA LYS B 230 -14.77 1.16 6.82
C LYS B 230 -15.21 0.59 8.19
N ALA B 231 -15.13 -0.72 8.37
CA ALA B 231 -15.48 -1.38 9.64
C ALA B 231 -14.86 -0.74 10.91
N ILE B 232 -13.69 -0.13 10.79
CA ILE B 232 -13.01 0.46 11.95
C ILE B 232 -13.30 1.96 12.19
N ALA B 233 -14.21 2.55 11.43
CA ALA B 233 -14.60 3.95 11.63
C ALA B 233 -15.88 4.00 12.44
N ASP B 234 -15.81 4.67 13.60
CA ASP B 234 -16.99 4.90 14.44
C ASP B 234 -16.95 6.32 15.01
N GLU B 235 -17.64 6.59 16.12
CA GLU B 235 -17.68 7.96 16.66
C GLU B 235 -16.32 8.53 17.07
N ASN B 236 -15.31 7.66 17.22
CA ASN B 236 -13.97 8.09 17.63
C ASN B 236 -13.03 8.33 16.45
N THR B 237 -13.57 8.28 15.23
CA THR B 237 -12.78 8.37 14.00
C THR B 237 -12.99 9.70 13.28
N LEU B 238 -11.89 10.32 12.86
CA LEU B 238 -11.88 11.41 11.90
C LEU B 238 -11.53 10.83 10.53
N VAL B 239 -12.44 11.01 9.56
CA VAL B 239 -12.20 10.68 8.16
C VAL B 239 -11.77 11.95 7.39
N VAL B 240 -10.60 11.90 6.78
CA VAL B 240 -10.10 13.07 6.06
C VAL B 240 -10.21 12.76 4.58
N LEU B 241 -11.26 13.31 3.95
CA LEU B 241 -11.55 13.06 2.55
C LEU B 241 -10.98 14.22 1.75
N MSE B 242 -10.07 13.91 0.82
CA MSE B 242 -9.44 14.91 -0.03
C MSE B 242 -9.79 14.62 -1.50
O MSE B 242 -9.60 13.51 -1.97
CB MSE B 242 -7.93 14.90 0.15
CG MSE B 242 -7.49 14.83 1.60
SE MSE B 242 -5.53 14.68 1.77
CE MSE B 242 -4.93 15.11 0.06
N ALA B 243 -10.25 15.65 -2.20
CA ALA B 243 -10.74 15.49 -3.57
C ALA B 243 -10.64 16.81 -4.32
N GLN B 244 -10.07 16.77 -5.52
CA GLN B 244 -10.04 17.91 -6.41
C GLN B 244 -11.50 18.16 -6.83
N GLU B 245 -12.01 17.32 -7.71
CA GLU B 245 -13.41 17.37 -8.14
C GLU B 245 -14.32 16.62 -7.15
N LEU B 246 -15.50 17.18 -6.86
CA LEU B 246 -16.47 16.54 -5.95
C LEU B 246 -17.80 16.22 -6.64
N PHE B 247 -18.25 14.97 -6.45
CA PHE B 247 -19.45 14.43 -7.09
C PHE B 247 -20.36 13.66 -6.14
N GLU B 248 -21.39 13.03 -6.70
CA GLU B 248 -22.46 12.40 -5.94
C GLU B 248 -22.02 11.20 -5.12
N TRP B 249 -21.10 10.42 -5.68
CA TRP B 249 -20.48 9.30 -4.96
C TRP B 249 -19.70 9.78 -3.72
N HIS B 250 -19.11 10.97 -3.81
CA HIS B 250 -18.47 11.58 -2.64
C HIS B 250 -19.52 11.88 -1.53
N LYS B 251 -20.70 12.37 -1.94
CA LYS B 251 -21.80 12.66 -1.00
C LYS B 251 -22.28 11.43 -0.25
N LYS B 252 -22.54 10.35 -0.99
CA LYS B 252 -22.97 9.08 -0.41
C LYS B 252 -21.93 8.51 0.55
N LEU B 253 -20.66 8.66 0.18
CA LEU B 253 -19.53 8.21 1.02
C LEU B 253 -19.50 8.99 2.33
N VAL B 254 -19.61 10.32 2.25
CA VAL B 254 -19.67 11.14 3.47
C VAL B 254 -20.81 10.67 4.38
N ASN B 255 -21.99 10.53 3.81
CA ASN B 255 -23.13 10.05 4.59
C ASN B 255 -22.97 8.66 5.17
N GLU B 256 -22.28 7.80 4.44
CA GLU B 256 -22.02 6.44 4.93
C GLU B 256 -21.17 6.49 6.20
N PHE B 257 -20.16 7.36 6.21
CA PHE B 257 -19.33 7.59 7.40
C PHE B 257 -20.08 8.27 8.57
N LYS B 258 -20.90 9.28 8.25
CA LYS B 258 -21.85 9.90 9.19
C LYS B 258 -22.77 8.89 9.87
N GLY B 259 -23.35 7.98 9.09
CA GLY B 259 -24.14 6.86 9.64
C GLY B 259 -23.42 5.90 10.58
N GLN B 260 -22.09 5.91 10.54
CA GLN B 260 -21.28 5.10 11.46
C GLN B 260 -20.86 5.93 12.66
N ARG B 261 -21.27 7.21 12.65
CA ARG B 261 -21.00 8.22 13.71
C ARG B 261 -19.65 8.92 13.57
N ALA B 262 -18.89 8.61 12.51
CA ALA B 262 -17.58 9.27 12.33
C ALA B 262 -17.69 10.74 11.96
N ARG B 263 -16.66 11.50 12.23
CA ARG B 263 -16.64 12.85 11.76
C ARG B 263 -15.76 13.00 10.53
N VAL B 264 -16.20 13.85 9.60
CA VAL B 264 -15.52 14.02 8.32
C VAL B 264 -14.96 15.41 8.14
N LEU B 265 -13.67 15.47 7.80
CA LEU B 265 -12.99 16.68 7.36
C LEU B 265 -12.86 16.61 5.84
N LEU B 266 -13.34 17.63 5.14
CA LEU B 266 -13.29 17.59 3.71
C LEU B 266 -12.28 18.61 3.27
N ILE B 267 -11.24 18.15 2.59
CA ILE B 267 -10.28 19.06 1.99
C ILE B 267 -10.48 18.99 0.48
N SER B 268 -10.78 20.14 -0.14
CA SER B 268 -11.05 20.18 -1.58
C SER B 268 -10.62 21.52 -2.16
N ASN B 269 -10.80 21.68 -3.46
CA ASN B 269 -10.54 22.94 -4.14
C ASN B 269 -11.83 23.70 -4.39
N SER B 270 -12.87 23.38 -3.63
CA SER B 270 -14.18 24.00 -3.79
C SER B 270 -14.88 24.06 -2.44
N GLN B 271 -16.07 24.64 -2.41
CA GLN B 271 -16.79 24.76 -1.15
C GLN B 271 -18.16 24.19 -1.35
N GLN B 272 -18.34 22.93 -0.97
CA GLN B 272 -19.63 22.28 -1.13
C GLN B 272 -20.16 21.72 0.20
N GLU B 273 -21.49 21.75 0.38
CA GLU B 273 -22.12 21.29 1.60
C GLU B 273 -22.50 19.83 1.43
N PHE B 274 -21.59 18.94 1.83
CA PHE B 274 -21.78 17.51 1.68
C PHE B 274 -22.12 16.80 3.00
N GLY B 275 -22.37 17.58 4.04
CA GLY B 275 -22.65 17.02 5.36
C GLY B 275 -21.44 16.93 6.29
N GLN B 276 -20.25 17.22 5.76
CA GLN B 276 -18.99 17.10 6.51
C GLN B 276 -19.04 17.90 7.79
N ASP B 277 -18.17 17.54 8.73
CA ASP B 277 -18.04 18.26 10.01
C ASP B 277 -17.09 19.43 9.93
N TYR B 278 -16.07 19.28 9.10
CA TYR B 278 -15.03 20.29 8.93
C TYR B 278 -14.70 20.45 7.46
N SER B 279 -14.26 21.65 7.10
CA SER B 279 -14.05 22.00 5.71
C SER B 279 -12.82 22.84 5.54
N ILE B 280 -12.04 22.50 4.52
CA ILE B 280 -10.83 23.23 4.21
C ILE B 280 -10.73 23.37 2.68
N GLU B 281 -10.73 24.60 2.20
CA GLU B 281 -10.63 24.83 0.76
C GLU B 281 -9.22 25.22 0.38
N VAL B 282 -8.63 24.52 -0.57
CA VAL B 282 -7.26 24.90 -0.96
C VAL B 282 -7.22 25.45 -2.39
N PRO B 283 -6.25 26.32 -2.67
CA PRO B 283 -6.21 26.88 -4.02
C PRO B 283 -6.08 25.82 -5.12
N ARG B 284 -6.86 26.02 -6.18
CA ARG B 284 -6.84 25.16 -7.37
C ARG B 284 -5.56 25.37 -8.16
N LEU B 285 -4.98 24.29 -8.70
CA LEU B 285 -3.77 24.40 -9.54
C LEU B 285 -3.87 23.52 -10.79
N SER B 286 -2.82 23.54 -11.59
CA SER B 286 -2.71 22.57 -12.66
C SER B 286 -2.89 21.18 -12.04
N LYS B 287 -3.44 20.26 -12.82
CA LYS B 287 -3.79 18.94 -12.33
C LYS B 287 -2.61 18.17 -11.68
N ASP B 288 -1.40 18.29 -12.22
CA ASP B 288 -0.22 17.61 -11.63
C ASP B 288 0.27 18.26 -10.32
N ALA B 289 0.11 19.58 -10.23
CA ALA B 289 0.53 20.37 -9.08
C ALA B 289 -0.57 20.45 -8.01
N THR B 290 -1.78 20.02 -8.37
CA THR B 290 -2.90 19.98 -7.45
C THR B 290 -2.62 19.43 -6.00
N PRO B 291 -1.86 18.31 -5.87
CA PRO B 291 -1.65 17.75 -4.50
C PRO B 291 -0.83 18.68 -3.63
N ILE B 292 -0.01 19.54 -4.23
CA ILE B 292 0.97 20.35 -3.48
C ILE B 292 0.42 21.12 -2.25
N PRO B 293 -0.68 21.88 -2.39
CA PRO B 293 -1.23 22.53 -1.19
C PRO B 293 -1.86 21.59 -0.17
N TYR B 294 -2.19 20.37 -0.56
CA TYR B 294 -2.84 19.48 0.42
C TYR B 294 -1.83 18.99 1.47
N LEU B 295 -0.55 18.95 1.07
CA LEU B 295 0.53 18.37 1.90
C LEU B 295 0.78 19.18 3.19
N PRO B 296 1.08 20.51 3.08
CA PRO B 296 1.14 21.32 4.31
C PRO B 296 -0.04 21.11 5.28
N VAL B 297 -1.26 20.99 4.77
CA VAL B 297 -2.47 20.84 5.60
C VAL B 297 -2.45 19.56 6.45
N VAL B 298 -2.19 18.41 5.81
CA VAL B 298 -2.18 17.14 6.54
C VAL B 298 -0.94 17.05 7.44
N GLN B 299 0.14 17.73 7.04
CA GLN B 299 1.33 17.83 7.92
C GLN B 299 0.98 18.62 9.23
N LEU B 300 0.25 19.74 9.07
CA LEU B 300 -0.22 20.53 10.23
C LEU B 300 -1.16 19.73 11.14
N LEU B 301 -2.10 18.99 10.56
CA LEU B 301 -3.04 18.17 11.31
C LEU B 301 -2.34 17.08 12.13
N SER B 302 -1.29 16.49 11.55
CA SER B 302 -0.50 15.46 12.23
C SER B 302 0.30 16.10 13.36
N TYR B 303 0.88 17.25 13.05
CA TYR B 303 1.67 18.01 14.01
C TYR B 303 0.85 18.40 15.23
N TYR B 304 -0.34 18.93 14.99
CA TYR B 304 -1.20 19.38 16.11
C TYR B 304 -1.76 18.25 16.91
N LYS B 305 -2.05 17.12 16.25
CA LYS B 305 -2.49 15.94 16.97
C LYS B 305 -1.34 15.42 17.86
N ALA B 306 -0.12 15.42 17.34
CA ALA B 306 1.09 15.02 18.11
C ALA B 306 1.25 15.86 19.40
N VAL B 307 1.25 17.17 19.22
CA VAL B 307 1.37 18.12 20.32
C VAL B 307 0.22 17.98 21.36
N ALA B 308 -1.00 17.76 20.88
CA ALA B 308 -2.12 17.51 21.79
C ALA B 308 -1.94 16.22 22.59
N ARG B 309 -1.19 15.27 22.04
CA ARG B 309 -0.88 14.03 22.79
C ARG B 309 0.39 14.15 23.66
N GLY B 310 1.04 15.31 23.60
CA GLY B 310 2.20 15.62 24.42
C GLY B 310 3.51 15.10 23.87
N LEU B 311 3.52 14.80 22.57
CA LEU B 311 4.65 14.11 21.97
C LEU B 311 5.58 15.07 21.27
N ASN B 312 6.78 14.60 20.93
CA ASN B 312 7.72 15.44 20.22
C ASN B 312 8.03 14.96 18.82
N PRO B 313 7.47 15.67 17.80
CA PRO B 313 7.60 15.15 16.44
C PRO B 313 8.97 15.36 15.85
N ASP B 314 9.77 16.24 16.45
CA ASP B 314 11.15 16.42 15.98
C ASP B 314 11.95 15.13 16.17
N ASN B 315 11.65 14.41 17.24
CA ASN B 315 12.43 13.22 17.64
C ASN B 315 11.49 12.18 18.20
N PRO B 316 10.73 11.52 17.32
CA PRO B 316 9.80 10.51 17.84
C PRO B 316 10.55 9.32 18.46
N ARG B 317 9.87 8.66 19.38
CA ARG B 317 10.42 7.49 20.04
C ARG B 317 10.86 6.53 18.93
N PHE B 318 12.00 5.86 19.12
CA PHE B 318 12.44 4.73 18.29
C PHE B 318 12.99 5.09 16.91
N LEU B 319 12.48 6.17 16.29
CA LEU B 319 12.78 6.46 14.88
C LEU B 319 14.24 6.86 14.64
N ASP B 320 14.77 6.49 13.48
CA ASP B 320 16.15 6.83 13.16
C ASP B 320 16.14 7.91 12.11
N LYS B 321 16.96 8.94 12.29
CA LYS B 321 17.04 10.01 11.29
C LYS B 321 17.42 9.52 9.87
N VAL B 322 18.30 8.52 9.79
CA VAL B 322 18.64 7.85 8.53
C VAL B 322 18.51 6.36 8.76
N VAL B 323 17.80 5.72 7.85
CA VAL B 323 17.55 4.28 7.95
C VAL B 323 18.60 3.52 7.19
N ARG B 324 19.38 2.74 7.94
CA ARG B 324 20.59 2.19 7.38
C ARG B 324 20.77 0.68 7.57
N TRP B 325 21.69 0.10 6.81
CA TRP B 325 22.09 -1.28 6.97
C TRP B 325 23.59 -1.28 6.75
N LEU B 326 24.28 -2.31 7.23
CA LEU B 326 25.63 -2.52 6.74
C LEU B 326 25.63 -2.62 5.19
N GLU B 327 26.42 -1.82 4.50
CA GLU B 327 26.30 -1.74 3.04
C GLU B 327 27.03 -2.90 2.32
N HIS B 328 28.24 -3.22 2.79
CA HIS B 328 29.13 -4.23 2.19
C HIS B 328 29.38 -5.31 3.20
N HIS B 329 28.98 -6.53 2.87
CA HIS B 329 28.96 -7.59 3.85
C HIS B 329 30.35 -8.09 4.24
N HIS B 330 31.32 -7.84 3.36
CA HIS B 330 32.73 -8.05 3.61
C HIS B 330 33.51 -6.81 3.17
N HIS B 331 34.32 -6.23 4.06
CA HIS B 331 35.21 -5.13 3.69
C HIS B 331 36.40 -5.64 2.90
N HIS B 332 36.34 -5.50 1.58
CA HIS B 332 37.39 -5.96 0.66
C HIS B 332 38.63 -5.07 0.73
N HIS B 333 39.82 -5.70 0.76
CA HIS B 333 41.09 -4.97 0.97
C HIS B 333 42.32 -5.75 0.45
C1 GOL C . -16.47 -6.73 -25.37
O1 GOL C . -17.06 -6.47 -24.12
C2 GOL C . -15.25 -7.66 -25.27
O2 GOL C . -15.34 -8.51 -24.16
C3 GOL C . -15.16 -8.48 -26.55
O3 GOL C . -13.88 -9.06 -26.67
#